data_6LOJ
#
_entry.id   6LOJ
#
_cell.length_a   122.490
_cell.length_b   122.490
_cell.length_c   582.350
_cell.angle_alpha   90.000
_cell.angle_beta   90.000
_cell.angle_gamma   120.000
#
_symmetry.space_group_name_H-M   'P 61 2 2'
#
loop_
_entity.id
_entity.type
_entity.pdbx_description
1 polymer 'Invasion plasmid antigen'
2 polymer 'Guanylate-binding protein 1'
3 non-polymer "GUANOSINE-5'-DIPHOSPHATE"
#
loop_
_entity_poly.entity_id
_entity_poly.type
_entity_poly.pdbx_seq_one_letter_code
_entity_poly.pdbx_strand_id
1 'polypeptide(L)'
;DPSTYADYFSAWDKWEKQALPGEERDEAVSRLKECLINNSDELRLDRLNLSSLPDNLPAQITLLNVSYNQLTNLPELPVT
LKKLYSASNKLSELPVLPPALESLQVQHNELENLPALPDSLLTMNISYNEIVSLPSLPQALKNLRATRNFLTELPAFSEG
NNPVVREYFFDRNQISHIPESILNLRNECSIHISDNPLSSHALQALQRLTSSPDYHGPRIYFSMSD
;
A
2 'polypeptide(L)'
;MDPMASEIHMTGPMCLIENTNGRLMANPEALKILSAITQPMVVVAIVGLYRTGKSYLMNKLAGKKKGFSLGSTVQSHTKG
IWMWCVPHPKKPGHILVLLDTEGLGDVEKGDNQNDSWIFALAVLLSSTFVYNSIGTINQQAMDQLYYVTELTHRIRSKSS
PDENENEVEDSADFVSFFPDFVWTLRDFSLDLEADGQPLTPDEYLTYSLKLKKGTSQKDETFNLPRLCIRKFFPKKKCFV
FDRPVHRRKLAQLEKLQDEELDPEFVQQVADFCSYIFSNSKTKTLSGGIQVNGPRLESLVLTYVNAISSGDLPCMENAVL
ALAQIENSAAVQKAIAHYEQQMGQKVQLPTETLQELLDLHRDSEREAIEVFIRSSFKDVDHLFQKELAAQLEKKRDDFCK
QNQEASSDRCSALLQVIFSPLEEEVKAGIYSKPGGYRLFVQKLQDLKKKYYEEPRKGIQAEEILQTYLKSKESMTDAILQ
TDQTLTEKEKEIEVERVKAESAQASAKMLHEMQRKNEQMMEQKERSYQEHLKQLTEKMENDRVQLLKEQERTLALKLQEQ
EQLLKEGFQKESRIMKNEIQDLQTKMRRRKACTIS
;
B
#
# COMPACT_ATOMS: atom_id res chain seq x y z
N ASP A 1 -59.79 -5.09 -15.98
CA ASP A 1 -58.53 -5.33 -16.68
C ASP A 1 -57.33 -5.48 -15.72
N PRO A 2 -57.18 -4.59 -14.74
CA PRO A 2 -56.14 -4.78 -13.73
C PRO A 2 -56.61 -5.69 -12.59
N SER A 3 -55.63 -6.18 -11.84
CA SER A 3 -55.91 -7.02 -10.69
C SER A 3 -56.41 -6.19 -9.51
N THR A 4 -57.05 -6.87 -8.56
CA THR A 4 -57.53 -6.25 -7.34
C THR A 4 -56.65 -6.64 -6.16
N TYR A 5 -56.95 -6.03 -5.01
CA TYR A 5 -56.14 -6.30 -3.81
C TYR A 5 -56.33 -7.75 -3.35
N ALA A 6 -57.58 -8.21 -3.29
CA ALA A 6 -57.82 -9.60 -2.88
C ALA A 6 -57.24 -10.57 -3.89
N ASP A 7 -57.21 -10.20 -5.17
CA ASP A 7 -56.59 -11.06 -6.19
C ASP A 7 -55.09 -11.19 -5.95
N TYR A 8 -54.44 -10.12 -5.50
CA TYR A 8 -53.00 -10.16 -5.26
C TYR A 8 -52.66 -11.05 -4.08
N PHE A 9 -53.39 -10.91 -2.97
CA PHE A 9 -53.07 -11.66 -1.76
C PHE A 9 -53.27 -13.15 -1.96
N SER A 10 -54.29 -13.54 -2.72
CA SER A 10 -54.55 -14.96 -2.94
C SER A 10 -53.39 -15.62 -3.67
N ALA A 11 -52.97 -15.03 -4.79
CA ALA A 11 -51.86 -15.61 -5.56
C ALA A 11 -50.53 -15.51 -4.81
N TRP A 12 -50.40 -14.55 -3.89
CA TRP A 12 -49.17 -14.43 -3.11
C TRP A 12 -49.14 -15.43 -1.96
N ASP A 13 -50.24 -15.55 -1.23
CA ASP A 13 -50.32 -16.55 -0.18
C ASP A 13 -50.18 -17.97 -0.76
N LYS A 14 -50.61 -18.17 -1.99
CA LYS A 14 -50.35 -19.43 -2.68
C LYS A 14 -48.87 -19.58 -2.97
N TRP A 15 -48.26 -18.56 -3.57
CA TRP A 15 -46.82 -18.58 -3.84
C TRP A 15 -45.99 -18.66 -2.57
N GLU A 16 -46.56 -18.22 -1.44
CA GLU A 16 -45.83 -18.28 -0.17
C GLU A 16 -45.71 -19.71 0.33
N LYS A 17 -46.77 -20.51 0.18
CA LYS A 17 -46.78 -21.85 0.75
C LYS A 17 -46.03 -22.87 -0.10
N GLN A 18 -45.74 -22.56 -1.36
CA GLN A 18 -44.84 -23.41 -2.14
C GLN A 18 -43.40 -23.06 -1.80
N ALA A 19 -43.07 -23.10 -0.52
CA ALA A 19 -41.82 -22.54 -0.01
C ALA A 19 -40.74 -23.63 0.02
N LEU A 20 -39.69 -23.44 -0.78
CA LEU A 20 -38.50 -24.26 -0.66
C LEU A 20 -37.83 -23.99 0.68
N PRO A 21 -37.02 -24.94 1.17
CA PRO A 21 -36.37 -24.75 2.47
C PRO A 21 -35.42 -23.55 2.45
N GLY A 22 -35.54 -22.71 3.48
CA GLY A 22 -34.70 -21.52 3.59
C GLY A 22 -35.22 -20.34 2.79
N GLU A 23 -35.98 -20.63 1.74
CA GLU A 23 -36.52 -19.59 0.87
C GLU A 23 -37.45 -18.67 1.65
N GLU A 24 -37.08 -17.39 1.75
CA GLU A 24 -37.81 -16.42 2.56
C GLU A 24 -38.95 -15.80 1.75
N ARG A 25 -39.91 -16.65 1.40
CA ARG A 25 -41.12 -16.18 0.75
C ARG A 25 -42.10 -15.53 1.73
N ASP A 26 -41.98 -15.82 3.02
CA ASP A 26 -42.88 -15.24 4.01
C ASP A 26 -42.63 -13.74 4.18
N GLU A 27 -41.36 -13.33 4.16
CA GLU A 27 -41.05 -11.91 4.26
C GLU A 27 -41.35 -11.19 2.95
N ALA A 28 -41.07 -11.84 1.82
CA ALA A 28 -41.36 -11.23 0.52
C ALA A 28 -42.85 -10.95 0.35
N VAL A 29 -43.71 -11.80 0.93
CA VAL A 29 -45.14 -11.57 0.87
C VAL A 29 -45.51 -10.34 1.70
N SER A 30 -45.05 -10.29 2.95
CA SER A 30 -45.33 -9.14 3.80
C SER A 30 -44.73 -7.85 3.26
N ARG A 31 -43.76 -7.96 2.34
CA ARG A 31 -43.29 -6.78 1.61
C ARG A 31 -44.20 -6.46 0.44
N LEU A 32 -44.57 -7.48 -0.35
CA LEU A 32 -45.49 -7.26 -1.46
C LEU A 32 -46.84 -6.78 -0.96
N LYS A 33 -47.28 -7.28 0.19
CA LYS A 33 -48.42 -6.68 0.88
C LYS A 33 -48.15 -5.20 1.14
N GLU A 34 -47.12 -4.90 1.93
CA GLU A 34 -46.76 -3.52 2.21
C GLU A 34 -46.56 -2.69 0.95
N CYS A 35 -46.07 -3.29 -0.14
CA CYS A 35 -45.87 -2.49 -1.34
C CYS A 35 -47.21 -2.02 -1.91
N LEU A 36 -48.15 -2.95 -2.10
CA LEU A 36 -49.36 -2.64 -2.85
C LEU A 36 -50.22 -1.61 -2.14
N ILE A 37 -50.27 -1.65 -0.81
CA ILE A 37 -51.26 -0.87 -0.08
C ILE A 37 -50.93 0.62 -0.17
N ASN A 38 -49.71 1.01 0.20
CA ASN A 38 -49.33 2.41 0.08
C ASN A 38 -49.12 2.85 -1.36
N ASN A 39 -49.19 1.95 -2.33
CA ASN A 39 -48.99 2.30 -3.73
C ASN A 39 -47.58 2.85 -3.95
N SER A 40 -46.63 2.43 -3.13
CA SER A 40 -45.27 2.95 -3.21
C SER A 40 -44.61 2.48 -4.50
N ASP A 41 -43.70 3.32 -5.01
CA ASP A 41 -43.06 3.08 -6.29
C ASP A 41 -41.91 2.08 -6.22
N GLU A 42 -41.50 1.67 -5.02
CA GLU A 42 -40.31 0.86 -4.84
C GLU A 42 -40.68 -0.54 -4.33
N LEU A 43 -40.09 -1.56 -4.96
CA LEU A 43 -40.24 -2.95 -4.55
C LEU A 43 -38.85 -3.53 -4.36
N ARG A 44 -38.49 -3.85 -3.11
CA ARG A 44 -37.17 -4.35 -2.77
C ARG A 44 -37.30 -5.77 -2.24
N LEU A 45 -36.83 -6.74 -3.02
CA LEU A 45 -36.86 -8.16 -2.66
C LEU A 45 -35.46 -8.76 -2.81
N ASP A 46 -34.46 -8.07 -2.27
CA ASP A 46 -33.07 -8.49 -2.41
C ASP A 46 -32.67 -9.45 -1.30
N ARG A 47 -31.83 -10.43 -1.66
CA ARG A 47 -31.26 -11.39 -0.72
C ARG A 47 -32.34 -12.08 0.12
N LEU A 48 -33.21 -12.82 -0.58
CA LEU A 48 -34.26 -13.59 0.09
C LEU A 48 -34.26 -15.04 -0.34
N ASN A 49 -33.21 -15.50 -1.02
CA ASN A 49 -33.08 -16.90 -1.46
C ASN A 49 -34.25 -17.32 -2.34
N LEU A 50 -34.70 -16.42 -3.21
CA LEU A 50 -35.86 -16.64 -4.06
C LEU A 50 -35.45 -17.25 -5.38
N SER A 51 -35.99 -18.42 -5.70
CA SER A 51 -35.69 -19.10 -6.96
C SER A 51 -36.71 -18.79 -8.05
N SER A 52 -37.89 -18.30 -7.70
CA SER A 52 -38.91 -17.99 -8.69
C SER A 52 -39.86 -16.95 -8.12
N LEU A 53 -39.88 -15.76 -8.71
CA LEU A 53 -40.79 -14.71 -8.28
C LEU A 53 -42.18 -14.97 -8.86
N PRO A 54 -43.24 -14.57 -8.15
CA PRO A 54 -44.59 -14.81 -8.64
C PRO A 54 -44.88 -14.00 -9.90
N ASP A 55 -45.85 -14.50 -10.67
CA ASP A 55 -46.20 -13.88 -11.95
C ASP A 55 -46.92 -12.55 -11.79
N ASN A 56 -47.39 -12.21 -10.59
CA ASN A 56 -48.19 -11.02 -10.36
C ASN A 56 -47.40 -10.04 -9.49
N LEU A 57 -46.70 -9.11 -10.13
CA LEU A 57 -46.07 -7.98 -9.46
C LEU A 57 -46.95 -6.74 -9.57
N PRO A 58 -47.03 -5.94 -8.50
CA PRO A 58 -47.87 -4.75 -8.53
C PRO A 58 -47.54 -3.85 -9.71
N ALA A 59 -48.47 -3.69 -10.65
CA ALA A 59 -48.23 -2.95 -11.87
C ALA A 59 -48.11 -1.45 -11.65
N GLN A 60 -48.18 -0.99 -10.40
CA GLN A 60 -48.07 0.43 -10.08
C GLN A 60 -46.65 0.85 -9.70
N ILE A 61 -45.75 -0.11 -9.49
CA ILE A 61 -44.40 0.22 -9.04
C ILE A 61 -43.58 0.73 -10.23
N THR A 62 -42.44 1.35 -9.91
CA THR A 62 -41.51 1.82 -10.91
C THR A 62 -40.07 1.43 -10.62
N LEU A 63 -39.77 0.91 -9.43
CA LEU A 63 -38.43 0.47 -9.05
C LEU A 63 -38.52 -0.94 -8.51
N LEU A 64 -37.76 -1.86 -9.09
CA LEU A 64 -37.82 -3.27 -8.75
C LEU A 64 -36.43 -3.78 -8.44
N ASN A 65 -36.23 -4.27 -7.21
CA ASN A 65 -34.96 -4.83 -6.77
C ASN A 65 -35.20 -6.25 -6.28
N VAL A 66 -34.69 -7.23 -7.04
CA VAL A 66 -34.86 -8.64 -6.71
C VAL A 66 -33.48 -9.29 -6.81
N SER A 67 -32.44 -8.47 -6.79
CA SER A 67 -31.07 -8.95 -6.96
C SER A 67 -30.67 -9.88 -5.82
N TYR A 68 -29.60 -10.64 -6.06
CA TYR A 68 -29.01 -11.55 -5.08
C TYR A 68 -30.00 -12.64 -4.66
N ASN A 69 -30.53 -13.34 -5.66
CA ASN A 69 -31.44 -14.46 -5.46
C ASN A 69 -31.14 -15.53 -6.50
N GLN A 70 -31.95 -16.58 -6.51
CA GLN A 70 -31.79 -17.70 -7.42
C GLN A 70 -32.78 -17.66 -8.58
N LEU A 71 -33.14 -16.47 -9.05
CA LEU A 71 -34.13 -16.34 -10.10
C LEU A 71 -33.65 -16.99 -11.39
N THR A 72 -34.50 -17.85 -11.96
CA THR A 72 -34.20 -18.52 -13.22
C THR A 72 -34.79 -17.77 -14.41
N ASN A 73 -36.07 -17.44 -14.33
CA ASN A 73 -36.74 -16.62 -15.33
C ASN A 73 -37.59 -15.58 -14.61
N LEU A 74 -37.76 -14.42 -15.24
CA LEU A 74 -38.50 -13.37 -14.57
C LEU A 74 -39.90 -13.23 -15.16
N PRO A 75 -40.90 -12.93 -14.32
CA PRO A 75 -42.27 -12.76 -14.83
C PRO A 75 -42.41 -11.50 -15.66
N GLU A 76 -43.60 -11.29 -16.24
CA GLU A 76 -43.84 -10.09 -17.03
C GLU A 76 -43.73 -8.85 -16.16
N LEU A 77 -43.09 -7.82 -16.69
CA LEU A 77 -42.78 -6.64 -15.90
C LEU A 77 -43.78 -5.53 -16.15
N PRO A 78 -44.13 -4.77 -15.10
CA PRO A 78 -45.08 -3.67 -15.26
C PRO A 78 -44.54 -2.61 -16.20
N VAL A 79 -45.40 -2.15 -17.11
CA VAL A 79 -45.01 -1.10 -18.06
C VAL A 79 -44.58 0.17 -17.33
N THR A 80 -45.03 0.36 -16.10
CA THR A 80 -44.72 1.55 -15.31
C THR A 80 -43.35 1.48 -14.64
N LEU A 81 -42.46 0.59 -15.07
CA LEU A 81 -41.18 0.39 -14.40
C LEU A 81 -40.12 1.32 -14.96
N LYS A 82 -39.38 1.97 -14.07
CA LYS A 82 -38.26 2.84 -14.45
C LYS A 82 -36.92 2.15 -14.30
N LYS A 83 -36.61 1.66 -13.11
CA LYS A 83 -35.34 1.02 -12.81
C LYS A 83 -35.56 -0.46 -12.52
N LEU A 84 -34.62 -1.29 -12.97
CA LEU A 84 -34.70 -2.75 -12.79
C LEU A 84 -33.41 -3.23 -12.16
N TYR A 85 -33.50 -3.75 -10.94
CA TYR A 85 -32.36 -4.26 -10.19
C TYR A 85 -32.52 -5.77 -10.05
N SER A 86 -31.77 -6.53 -10.86
CA SER A 86 -31.74 -7.98 -10.70
C SER A 86 -30.34 -8.46 -11.11
N ALA A 87 -29.44 -8.55 -10.14
CA ALA A 87 -28.06 -8.93 -10.39
C ALA A 87 -27.69 -10.12 -9.52
N SER A 88 -26.70 -10.88 -9.99
CA SER A 88 -26.22 -12.08 -9.31
C SER A 88 -27.34 -13.09 -9.12
N ASN A 89 -28.04 -13.40 -10.20
CA ASN A 89 -29.03 -14.44 -10.26
C ASN A 89 -28.64 -15.46 -11.34
N LYS A 90 -29.54 -16.40 -11.61
CA LYS A 90 -29.31 -17.44 -12.61
C LYS A 90 -30.27 -17.28 -13.79
N LEU A 91 -30.49 -16.02 -14.20
CA LEU A 91 -31.36 -15.76 -15.34
C LEU A 91 -30.81 -16.38 -16.61
N SER A 92 -31.69 -16.96 -17.41
CA SER A 92 -31.32 -17.52 -18.71
C SER A 92 -31.74 -16.63 -19.87
N GLU A 93 -32.89 -15.98 -19.77
CA GLU A 93 -33.33 -15.04 -20.79
C GLU A 93 -34.27 -14.04 -20.15
N LEU A 94 -34.47 -12.91 -20.84
CA LEU A 94 -35.23 -11.84 -20.25
C LEU A 94 -36.59 -11.67 -20.92
N PRO A 95 -37.65 -11.45 -20.13
CA PRO A 95 -38.91 -11.05 -20.74
C PRO A 95 -38.79 -9.68 -21.39
N VAL A 96 -39.66 -9.42 -22.36
CA VAL A 96 -39.60 -8.15 -23.10
C VAL A 96 -39.78 -7.00 -22.11
N LEU A 97 -38.90 -6.02 -22.21
CA LEU A 97 -38.80 -4.97 -21.20
C LEU A 97 -39.88 -3.91 -21.39
N PRO A 98 -40.32 -3.28 -20.31
CA PRO A 98 -41.28 -2.18 -20.42
C PRO A 98 -40.69 -1.02 -21.20
N PRO A 99 -41.49 -0.35 -22.04
CA PRO A 99 -40.95 0.76 -22.83
C PRO A 99 -40.57 1.98 -22.01
N ALA A 100 -40.94 2.04 -20.73
CA ALA A 100 -40.62 3.18 -19.88
C ALA A 100 -39.38 2.94 -19.02
N LEU A 101 -38.70 1.82 -19.18
CA LEU A 101 -37.53 1.52 -18.37
C LEU A 101 -36.37 2.43 -18.74
N GLU A 102 -35.58 2.79 -17.72
CA GLU A 102 -34.43 3.65 -17.91
C GLU A 102 -33.09 2.99 -17.57
N SER A 103 -33.05 2.17 -16.52
CA SER A 103 -31.82 1.48 -16.13
C SER A 103 -32.06 -0.02 -16.10
N LEU A 104 -30.98 -0.77 -16.29
CA LEU A 104 -31.04 -2.23 -16.40
C LEU A 104 -29.83 -2.81 -15.70
N GLN A 105 -30.04 -3.44 -14.54
CA GLN A 105 -28.97 -4.06 -13.77
C GLN A 105 -29.19 -5.57 -13.79
N VAL A 106 -28.40 -6.28 -14.58
CA VAL A 106 -28.61 -7.71 -14.78
C VAL A 106 -27.29 -8.49 -14.66
N GLN A 107 -26.22 -7.79 -14.27
CA GLN A 107 -24.90 -8.41 -14.28
C GLN A 107 -24.84 -9.62 -13.37
N HIS A 108 -23.84 -10.48 -13.62
CA HIS A 108 -23.62 -11.73 -12.89
C HIS A 108 -24.78 -12.70 -13.08
N ASN A 109 -25.18 -12.90 -14.34
CA ASN A 109 -26.22 -13.88 -14.66
C ASN A 109 -25.74 -14.80 -15.77
N GLU A 110 -26.62 -15.66 -16.28
CA GLU A 110 -26.30 -16.62 -17.33
C GLU A 110 -27.04 -16.30 -18.62
N LEU A 111 -27.12 -15.01 -18.97
CA LEU A 111 -27.81 -14.59 -20.17
C LEU A 111 -26.97 -14.85 -21.41
N GLU A 112 -27.64 -15.23 -22.50
CA GLU A 112 -26.99 -15.39 -23.80
C GLU A 112 -27.63 -14.56 -24.90
N ASN A 113 -28.89 -14.16 -24.75
CA ASN A 113 -29.57 -13.35 -25.75
C ASN A 113 -30.40 -12.29 -25.04
N LEU A 114 -30.65 -11.18 -25.74
CA LEU A 114 -31.36 -10.04 -25.17
C LEU A 114 -32.59 -9.70 -26.00
N PRO A 115 -33.71 -9.39 -25.36
CA PRO A 115 -34.87 -8.88 -26.12
C PRO A 115 -34.66 -7.43 -26.55
N ALA A 116 -35.68 -6.83 -27.16
CA ALA A 116 -35.57 -5.47 -27.66
C ALA A 116 -35.27 -4.50 -26.52
N LEU A 117 -34.57 -3.41 -26.86
CA LEU A 117 -34.16 -2.42 -25.88
C LEU A 117 -34.97 -1.14 -26.09
N PRO A 118 -35.71 -0.68 -25.08
CA PRO A 118 -36.47 0.55 -25.23
C PRO A 118 -35.56 1.77 -25.35
N ASP A 119 -36.01 2.75 -26.13
CA ASP A 119 -35.25 3.98 -26.31
C ASP A 119 -35.12 4.78 -25.01
N SER A 120 -36.02 4.56 -24.06
CA SER A 120 -35.93 5.25 -22.77
C SER A 120 -34.76 4.77 -21.92
N LEU A 121 -34.07 3.70 -22.34
CA LEU A 121 -32.91 3.22 -21.59
C LEU A 121 -31.79 4.25 -21.64
N LEU A 122 -31.30 4.63 -20.46
CA LEU A 122 -30.18 5.55 -20.34
C LEU A 122 -28.89 4.90 -19.84
N THR A 123 -29.00 3.84 -19.04
CA THR A 123 -27.83 3.16 -18.51
C THR A 123 -28.17 1.69 -18.30
N MET A 124 -27.14 0.85 -18.30
CA MET A 124 -27.31 -0.58 -18.10
C MET A 124 -25.96 -1.22 -17.85
N ASN A 125 -26.00 -2.44 -17.29
CA ASN A 125 -24.80 -3.22 -17.01
C ASN A 125 -25.15 -4.68 -17.28
N ILE A 126 -24.43 -5.30 -18.21
CA ILE A 126 -24.75 -6.65 -18.66
C ILE A 126 -23.53 -7.55 -18.57
N SER A 127 -22.59 -7.20 -17.70
CA SER A 127 -21.34 -7.96 -17.60
C SER A 127 -21.59 -9.31 -16.93
N TYR A 128 -20.58 -10.18 -17.03
CA TYR A 128 -20.59 -11.50 -16.40
C TYR A 128 -21.68 -12.40 -16.96
N ASN A 129 -21.88 -12.33 -18.28
CA ASN A 129 -22.86 -13.18 -18.95
C ASN A 129 -22.23 -13.92 -20.12
N GLU A 130 -23.04 -14.56 -20.95
CA GLU A 130 -22.57 -15.40 -22.06
C GLU A 130 -23.27 -15.01 -23.36
N ILE A 131 -23.31 -13.72 -23.66
CA ILE A 131 -23.97 -13.20 -24.85
C ILE A 131 -22.97 -13.08 -25.98
N VAL A 132 -23.41 -13.33 -27.21
CA VAL A 132 -22.54 -13.23 -28.37
C VAL A 132 -22.89 -11.98 -29.17
N SER A 133 -24.13 -11.93 -29.64
CA SER A 133 -24.63 -10.79 -30.40
C SER A 133 -25.71 -10.07 -29.62
N LEU A 134 -25.95 -8.82 -29.99
CA LEU A 134 -26.87 -8.00 -29.22
C LEU A 134 -27.92 -7.34 -30.11
N PRO A 135 -29.10 -7.05 -29.56
CA PRO A 135 -30.15 -6.38 -30.33
C PRO A 135 -29.94 -4.87 -30.43
N SER A 136 -30.96 -4.18 -30.93
CA SER A 136 -30.91 -2.73 -31.17
C SER A 136 -30.32 -1.97 -29.98
N LEU A 137 -29.48 -0.97 -30.30
CA LEU A 137 -28.92 -0.10 -29.29
C LEU A 137 -29.63 1.24 -29.31
N PRO A 138 -30.33 1.62 -28.24
CA PRO A 138 -31.11 2.86 -28.25
C PRO A 138 -30.24 4.08 -28.51
N GLN A 139 -30.92 5.19 -28.83
CA GLN A 139 -30.24 6.43 -29.17
C GLN A 139 -29.68 7.10 -27.92
N ALA A 140 -30.50 7.22 -26.88
CA ALA A 140 -30.09 7.88 -25.64
C ALA A 140 -29.26 6.98 -24.74
N LEU A 141 -29.10 5.71 -25.09
CA LEU A 141 -28.30 4.80 -24.29
C LEU A 141 -26.83 5.19 -24.39
N LYS A 142 -26.18 5.39 -23.24
CA LYS A 142 -24.84 5.97 -23.22
C LYS A 142 -23.86 5.16 -22.40
N ASN A 143 -24.33 4.45 -21.39
CA ASN A 143 -23.46 3.73 -20.45
C ASN A 143 -23.70 2.24 -20.58
N LEU A 144 -22.85 1.57 -21.37
CA LEU A 144 -22.84 0.13 -21.50
C LEU A 144 -21.73 -0.47 -20.65
N ARG A 145 -21.99 -1.64 -20.06
CA ARG A 145 -20.99 -2.36 -19.26
C ARG A 145 -21.06 -3.83 -19.66
N ALA A 146 -20.27 -4.20 -20.66
CA ALA A 146 -20.26 -5.57 -21.17
C ALA A 146 -18.87 -6.17 -21.06
N THR A 147 -18.23 -6.00 -19.90
CA THR A 147 -16.86 -6.48 -19.70
C THR A 147 -16.78 -8.00 -19.81
N ARG A 148 -17.38 -8.71 -18.88
CA ARG A 148 -17.27 -10.17 -18.84
C ARG A 148 -18.38 -10.76 -19.70
N ASN A 149 -18.03 -11.23 -20.89
CA ASN A 149 -19.01 -11.81 -21.80
C ASN A 149 -18.28 -12.59 -22.89
N PHE A 150 -19.06 -13.27 -23.71
CA PHE A 150 -18.57 -14.09 -24.81
C PHE A 150 -18.71 -13.41 -26.16
N LEU A 151 -19.02 -12.12 -26.17
CA LEU A 151 -19.39 -11.44 -27.41
C LEU A 151 -18.22 -11.40 -28.39
N THR A 152 -18.56 -11.47 -29.68
CA THR A 152 -17.57 -11.45 -30.75
C THR A 152 -17.77 -10.30 -31.73
N GLU A 153 -18.92 -9.64 -31.71
CA GLU A 153 -19.18 -8.50 -32.58
C GLU A 153 -19.81 -7.38 -31.76
N LEU A 154 -19.93 -6.21 -32.37
CA LEU A 154 -20.62 -5.07 -31.77
C LEU A 154 -21.36 -4.29 -32.85
N PRO A 155 -22.51 -4.80 -33.30
CA PRO A 155 -23.31 -4.04 -34.26
C PRO A 155 -23.99 -2.84 -33.62
N ALA A 156 -23.28 -1.72 -33.55
CA ALA A 156 -23.82 -0.52 -32.93
C ALA A 156 -24.96 0.05 -33.77
N PHE A 157 -26.18 -0.35 -33.44
CA PHE A 157 -27.34 0.01 -34.23
C PHE A 157 -27.73 1.47 -34.01
N SER A 158 -28.21 2.09 -35.07
CA SER A 158 -28.47 3.53 -35.09
C SER A 158 -29.95 3.83 -34.91
N GLU A 159 -30.22 5.10 -34.63
CA GLU A 159 -31.58 5.61 -34.47
C GLU A 159 -31.65 6.94 -35.22
N GLY A 160 -32.64 7.76 -34.91
CA GLY A 160 -32.87 9.01 -35.62
C GLY A 160 -31.62 9.87 -35.79
N ASN A 161 -31.08 10.38 -34.67
CA ASN A 161 -29.83 11.13 -34.70
C ASN A 161 -29.33 11.22 -33.26
N ASN A 162 -28.18 10.59 -32.99
CA ASN A 162 -27.71 10.46 -31.62
C ASN A 162 -26.81 11.63 -31.25
N PRO A 163 -27.24 12.51 -30.34
CA PRO A 163 -26.35 13.54 -29.81
C PRO A 163 -25.39 12.97 -28.78
N VAL A 164 -24.71 13.86 -28.03
CA VAL A 164 -23.61 13.52 -27.13
C VAL A 164 -23.86 12.23 -26.36
N VAL A 165 -22.82 11.41 -26.26
CA VAL A 165 -22.91 10.09 -25.65
C VAL A 165 -21.92 9.99 -24.51
N ARG A 166 -21.81 8.80 -23.91
CA ARG A 166 -20.93 8.59 -22.76
C ARG A 166 -20.10 7.32 -22.93
N GLU A 167 -19.45 6.89 -21.85
CA GLU A 167 -18.47 5.81 -21.92
C GLU A 167 -19.14 4.46 -22.06
N TYR A 168 -18.60 3.64 -22.96
CA TYR A 168 -19.00 2.25 -23.12
C TYR A 168 -17.81 1.35 -22.77
N PHE A 169 -18.10 0.17 -22.24
CA PHE A 169 -17.08 -0.78 -21.80
C PHE A 169 -17.26 -2.11 -22.51
N PHE A 170 -16.19 -2.59 -23.14
CA PHE A 170 -16.20 -3.90 -23.80
C PHE A 170 -14.90 -4.65 -23.56
N ASP A 171 -14.26 -4.43 -22.41
CA ASP A 171 -12.99 -5.08 -22.12
C ASP A 171 -13.19 -6.58 -21.89
N ARG A 172 -12.10 -7.32 -22.02
CA ARG A 172 -12.06 -8.76 -21.73
C ARG A 172 -13.13 -9.52 -22.52
N ASN A 173 -12.99 -9.49 -23.84
CA ASN A 173 -13.95 -10.14 -24.73
C ASN A 173 -13.19 -10.77 -25.89
N GLN A 174 -13.94 -11.19 -26.91
CA GLN A 174 -13.39 -11.81 -28.12
C GLN A 174 -13.92 -11.10 -29.36
N ILE A 175 -13.86 -9.76 -29.34
CA ILE A 175 -14.38 -8.97 -30.46
C ILE A 175 -13.59 -9.23 -31.72
N SER A 176 -12.27 -8.99 -31.66
CA SER A 176 -11.30 -9.33 -32.71
C SER A 176 -11.48 -8.50 -33.98
N HIS A 177 -12.33 -7.48 -33.97
CA HIS A 177 -12.52 -6.65 -35.17
C HIS A 177 -13.26 -5.38 -34.78
N ILE A 178 -12.79 -4.25 -35.29
CA ILE A 178 -13.43 -2.96 -35.07
C ILE A 178 -14.10 -2.55 -36.38
N PRO A 179 -15.43 -2.50 -36.45
CA PRO A 179 -16.08 -1.93 -37.62
C PRO A 179 -15.93 -0.42 -37.63
N GLU A 180 -15.86 0.16 -38.83
CA GLU A 180 -15.69 1.59 -38.95
C GLU A 180 -16.88 2.38 -38.41
N SER A 181 -18.01 1.71 -38.13
CA SER A 181 -19.09 2.36 -37.40
C SER A 181 -18.61 2.89 -36.06
N ILE A 182 -17.57 2.27 -35.50
CA ILE A 182 -16.90 2.83 -34.33
C ILE A 182 -16.17 4.11 -34.70
N LEU A 183 -15.37 4.05 -35.77
CA LEU A 183 -14.52 5.18 -36.16
C LEU A 183 -15.34 6.37 -36.65
N ASN A 184 -16.59 6.17 -37.06
CA ASN A 184 -17.40 7.28 -37.55
C ASN A 184 -17.76 8.26 -36.44
N LEU A 185 -17.82 7.78 -35.20
CA LEU A 185 -18.21 8.64 -34.08
C LEU A 185 -17.13 9.67 -33.79
N ARG A 186 -17.56 10.86 -33.37
CA ARG A 186 -16.66 11.98 -33.17
C ARG A 186 -15.87 11.80 -31.88
N ASN A 187 -15.04 12.81 -31.56
CA ASN A 187 -14.13 12.75 -30.43
C ASN A 187 -14.79 13.20 -29.13
N GLU A 188 -15.94 12.59 -28.80
CA GLU A 188 -16.56 12.77 -27.50
C GLU A 188 -17.03 11.45 -26.93
N CYS A 189 -16.60 10.33 -27.49
CA CYS A 189 -16.99 8.99 -27.07
C CYS A 189 -15.83 8.32 -26.34
N SER A 190 -16.16 7.23 -25.64
CA SER A 190 -15.17 6.43 -24.93
C SER A 190 -15.51 4.96 -25.13
N ILE A 191 -14.56 4.20 -25.68
CA ILE A 191 -14.75 2.79 -26.01
C ILE A 191 -13.54 2.02 -25.50
N HIS A 192 -13.73 1.25 -24.44
CA HIS A 192 -12.65 0.48 -23.82
C HIS A 192 -12.76 -0.97 -24.26
N ILE A 193 -11.71 -1.48 -24.90
CA ILE A 193 -11.73 -2.81 -25.50
C ILE A 193 -10.53 -3.64 -25.02
N SER A 194 -10.06 -3.38 -23.80
CA SER A 194 -8.85 -4.01 -23.31
C SER A 194 -9.01 -5.54 -23.24
N ASP A 195 -7.88 -6.23 -23.42
CA ASP A 195 -7.80 -7.68 -23.29
C ASP A 195 -8.69 -8.42 -24.29
N ASN A 196 -8.86 -7.85 -25.48
CA ASN A 196 -9.57 -8.52 -26.55
C ASN A 196 -8.58 -8.96 -27.62
N PRO A 197 -8.49 -10.25 -27.96
CA PRO A 197 -7.56 -10.66 -29.01
C PRO A 197 -7.95 -10.08 -30.36
N LEU A 198 -7.15 -9.16 -30.88
CA LEU A 198 -7.48 -8.42 -32.09
C LEU A 198 -6.78 -9.03 -33.30
N SER A 199 -7.20 -8.58 -34.47
CA SER A 199 -6.58 -9.03 -35.72
C SER A 199 -5.16 -8.48 -35.82
N SER A 200 -4.29 -9.25 -36.48
CA SER A 200 -2.88 -8.89 -36.57
C SER A 200 -2.69 -7.57 -37.30
N HIS A 201 -3.22 -7.47 -38.53
CA HIS A 201 -3.09 -6.24 -39.28
C HIS A 201 -3.92 -5.12 -38.68
N ALA A 202 -5.03 -5.45 -38.03
CA ALA A 202 -5.86 -4.44 -37.38
C ALA A 202 -5.28 -3.98 -36.05
N LEU A 203 -4.33 -4.73 -35.49
CA LEU A 203 -3.68 -4.28 -34.26
C LEU A 203 -2.90 -2.99 -34.49
N GLN A 204 -2.17 -2.91 -35.60
CA GLN A 204 -1.43 -1.70 -35.95
C GLN A 204 -2.21 -0.77 -36.85
N ALA A 205 -3.32 -1.23 -37.44
CA ALA A 205 -4.13 -0.35 -38.28
C ALA A 205 -4.79 0.75 -37.47
N LEU A 206 -5.15 0.47 -36.22
CA LEU A 206 -5.72 1.49 -35.34
C LEU A 206 -4.66 2.28 -34.61
N GLN A 207 -3.48 1.70 -34.40
CA GLN A 207 -2.38 2.42 -33.76
C GLN A 207 -1.94 3.61 -34.61
N ARG A 208 -1.60 3.35 -35.87
CA ARG A 208 -1.17 4.43 -36.76
C ARG A 208 -2.34 5.32 -37.17
N LEU A 209 -3.58 4.88 -36.98
CA LEU A 209 -4.73 5.71 -37.30
C LEU A 209 -5.00 6.75 -36.23
N THR A 210 -4.71 6.44 -34.97
CA THR A 210 -4.98 7.35 -33.87
C THR A 210 -3.80 8.26 -33.54
N SER A 211 -2.59 7.89 -33.91
CA SER A 211 -1.41 8.74 -33.71
C SER A 211 -1.25 9.64 -34.93
N SER A 212 -2.20 10.56 -35.08
CA SER A 212 -2.34 11.41 -36.25
C SER A 212 -3.26 12.57 -35.87
N PRO A 213 -3.54 13.52 -36.78
CA PRO A 213 -4.60 14.49 -36.47
C PRO A 213 -5.97 13.84 -36.47
N ASP A 214 -6.14 12.83 -35.63
CA ASP A 214 -7.37 12.07 -35.53
C ASP A 214 -8.37 12.80 -34.64
N TYR A 215 -8.62 14.08 -34.95
CA TYR A 215 -9.59 14.86 -34.19
C TYR A 215 -11.00 14.35 -34.40
N HIS A 216 -11.27 13.75 -35.56
CA HIS A 216 -12.58 13.18 -35.87
C HIS A 216 -12.59 11.67 -35.63
N GLY A 217 -12.30 11.29 -34.39
CA GLY A 217 -12.24 9.90 -34.03
C GLY A 217 -12.47 9.65 -32.55
N PRO A 218 -13.05 8.50 -32.21
CA PRO A 218 -13.33 8.20 -30.80
C PRO A 218 -12.10 7.65 -30.09
N ARG A 219 -12.06 7.90 -28.79
CA ARG A 219 -10.93 7.45 -27.96
C ARG A 219 -11.03 5.94 -27.74
N ILE A 220 -9.98 5.23 -28.12
CA ILE A 220 -9.91 3.77 -27.98
C ILE A 220 -8.86 3.43 -26.93
N TYR A 221 -9.15 2.42 -26.11
CA TYR A 221 -8.29 2.03 -25.00
C TYR A 221 -8.04 0.53 -25.05
N PHE A 222 -6.77 0.14 -25.10
CA PHE A 222 -6.40 -1.26 -24.97
C PHE A 222 -4.93 -1.38 -24.57
N SER B 6 0.71 11.23 22.88
CA SER B 6 0.42 10.95 21.48
C SER B 6 -0.63 9.86 21.34
N GLU B 7 -1.66 9.93 22.19
CA GLU B 7 -2.76 8.97 22.15
C GLU B 7 -3.84 9.47 21.19
N ILE B 8 -4.53 8.52 20.57
CA ILE B 8 -5.56 8.81 19.58
C ILE B 8 -6.78 7.95 19.87
N HIS B 9 -7.96 8.58 19.88
CA HIS B 9 -9.24 7.88 19.99
C HIS B 9 -10.19 8.55 19.02
N MET B 10 -10.47 7.89 17.90
CA MET B 10 -11.19 8.51 16.80
C MET B 10 -12.59 8.96 17.22
N THR B 11 -12.98 10.15 16.79
CA THR B 11 -14.29 10.71 17.08
C THR B 11 -15.26 10.44 15.93
N GLY B 12 -15.64 9.17 15.81
CA GLY B 12 -16.52 8.73 14.76
C GLY B 12 -15.76 8.24 13.54
N PRO B 13 -16.18 7.10 13.00
CA PRO B 13 -15.45 6.51 11.86
C PRO B 13 -15.46 7.42 10.65
N MET B 14 -14.28 7.69 10.11
CA MET B 14 -14.12 8.50 8.93
C MET B 14 -13.91 7.63 7.70
N CYS B 15 -14.24 8.20 6.54
CA CYS B 15 -14.01 7.50 5.28
C CYS B 15 -12.53 7.48 4.96
N LEU B 16 -12.02 6.30 4.59
CA LEU B 16 -10.61 6.16 4.20
C LEU B 16 -10.46 6.29 2.68
N ILE B 17 -11.15 5.45 1.93
CA ILE B 17 -11.16 5.52 0.48
C ILE B 17 -12.60 5.45 0.00
N GLU B 18 -12.94 6.32 -0.95
CA GLU B 18 -14.31 6.44 -1.45
C GLU B 18 -14.39 5.91 -2.88
N ASN B 19 -15.48 5.19 -3.15
CA ASN B 19 -15.76 4.66 -4.48
C ASN B 19 -16.73 5.63 -5.15
N THR B 20 -16.19 6.48 -6.02
CA THR B 20 -16.96 7.59 -6.58
C THR B 20 -16.76 7.66 -8.08
N ASN B 21 -17.88 7.71 -8.82
CA ASN B 21 -17.94 8.04 -10.24
C ASN B 21 -17.16 7.08 -11.12
N GLY B 22 -16.72 5.94 -10.60
CA GLY B 22 -16.06 4.94 -11.42
C GLY B 22 -14.68 4.56 -10.95
N ARG B 23 -14.07 5.38 -10.10
CA ARG B 23 -12.73 5.12 -9.61
C ARG B 23 -12.67 5.32 -8.10
N LEU B 24 -11.46 5.29 -7.55
CA LEU B 24 -11.20 5.50 -6.13
C LEU B 24 -10.39 6.77 -5.94
N MET B 25 -10.72 7.53 -4.90
CA MET B 25 -10.02 8.76 -4.57
C MET B 25 -9.82 8.80 -3.06
N ALA B 26 -8.58 8.58 -2.61
CA ALA B 26 -8.31 8.44 -1.18
C ALA B 26 -8.66 9.73 -0.44
N ASN B 27 -9.32 9.56 0.71
CA ASN B 27 -9.69 10.69 1.55
C ASN B 27 -8.45 11.30 2.17
N PRO B 28 -8.08 12.54 1.83
CA PRO B 28 -6.84 13.11 2.38
C PRO B 28 -6.90 13.34 3.88
N GLU B 29 -8.07 13.67 4.43
CA GLU B 29 -8.17 13.90 5.86
C GLU B 29 -7.92 12.61 6.66
N ALA B 30 -8.30 11.46 6.10
CA ALA B 30 -8.01 10.20 6.76
C ALA B 30 -6.52 9.88 6.71
N LEU B 31 -5.84 10.27 5.64
CA LEU B 31 -4.39 10.06 5.57
C LEU B 31 -3.65 11.01 6.49
N LYS B 32 -4.18 12.21 6.72
CA LYS B 32 -3.53 13.15 7.62
C LYS B 32 -3.52 12.65 9.05
N ILE B 33 -4.64 12.10 9.52
CA ILE B 33 -4.67 11.53 10.86
C ILE B 33 -3.90 10.22 10.92
N LEU B 34 -3.68 9.57 9.78
CA LEU B 34 -2.86 8.37 9.76
C LEU B 34 -1.40 8.71 10.05
N SER B 35 -0.86 9.72 9.36
CA SER B 35 0.54 10.10 9.55
C SER B 35 0.85 10.57 10.96
N ALA B 36 -0.16 10.82 11.78
CA ALA B 36 0.03 11.25 13.16
C ALA B 36 0.06 10.08 14.14
N ILE B 37 -0.16 8.86 13.68
CA ILE B 37 -0.21 7.70 14.55
C ILE B 37 1.18 7.08 14.61
N THR B 38 1.84 7.21 15.77
CA THR B 38 3.17 6.66 15.95
C THR B 38 3.13 5.17 16.27
N GLN B 39 2.17 4.75 17.07
CA GLN B 39 2.15 3.40 17.61
C GLN B 39 1.86 2.37 16.52
N PRO B 40 2.26 1.11 16.73
CA PRO B 40 1.91 0.05 15.77
C PRO B 40 0.41 -0.22 15.78
N MET B 41 -0.03 -0.95 14.76
CA MET B 41 -1.46 -1.12 14.51
C MET B 41 -1.83 -2.59 14.41
N VAL B 42 -2.96 -2.94 15.02
CA VAL B 42 -3.62 -4.22 14.81
C VAL B 42 -4.87 -3.92 13.98
N VAL B 43 -4.79 -4.20 12.68
CA VAL B 43 -5.84 -3.83 11.74
C VAL B 43 -6.78 -5.02 11.57
N VAL B 44 -8.04 -4.83 11.94
CA VAL B 44 -9.09 -5.83 11.74
C VAL B 44 -10.08 -5.27 10.73
N ALA B 45 -10.24 -5.98 9.61
CA ALA B 45 -11.11 -5.54 8.52
C ALA B 45 -12.42 -6.32 8.57
N ILE B 46 -13.53 -5.60 8.70
CA ILE B 46 -14.86 -6.19 8.73
C ILE B 46 -15.51 -5.86 7.40
N VAL B 47 -15.55 -6.84 6.49
CA VAL B 47 -16.15 -6.66 5.18
C VAL B 47 -17.53 -7.30 5.18
N GLY B 48 -18.40 -6.77 4.33
CA GLY B 48 -19.75 -7.29 4.24
C GLY B 48 -20.50 -6.64 3.10
N LEU B 49 -21.55 -7.32 2.66
CA LEU B 49 -22.40 -6.84 1.59
C LEU B 49 -23.35 -5.78 2.14
N TYR B 50 -24.37 -5.43 1.37
CA TYR B 50 -25.36 -4.46 1.82
C TYR B 50 -26.02 -4.91 3.12
N ARG B 51 -26.20 -3.96 4.03
CA ARG B 51 -26.93 -4.11 5.29
C ARG B 51 -26.68 -5.46 5.97
N THR B 52 -25.44 -5.95 5.91
CA THR B 52 -25.09 -7.25 6.46
C THR B 52 -24.97 -7.26 7.98
N GLY B 53 -25.39 -6.19 8.66
CA GLY B 53 -25.34 -6.16 10.10
C GLY B 53 -23.94 -6.15 10.66
N LYS B 54 -22.98 -5.59 9.94
CA LYS B 54 -21.60 -5.47 10.41
C LYS B 54 -21.37 -4.21 11.23
N SER B 55 -22.38 -3.35 11.35
CA SER B 55 -22.21 -2.11 12.10
C SER B 55 -22.19 -2.35 13.61
N TYR B 56 -23.07 -3.24 14.10
CA TYR B 56 -23.09 -3.56 15.51
C TYR B 56 -21.84 -4.32 15.96
N LEU B 57 -20.99 -4.75 15.02
CA LEU B 57 -19.70 -5.33 15.36
C LEU B 57 -18.63 -4.25 15.52
N MET B 58 -18.45 -3.41 14.50
CA MET B 58 -17.47 -2.34 14.57
C MET B 58 -17.74 -1.42 15.75
N ASN B 59 -18.99 -0.99 15.91
CA ASN B 59 -19.37 -0.13 17.02
C ASN B 59 -19.23 -0.83 18.38
N LYS B 60 -19.01 -2.13 18.38
CA LYS B 60 -18.69 -2.88 19.60
C LYS B 60 -17.21 -3.21 19.70
N LEU B 61 -16.55 -3.48 18.57
CA LEU B 61 -15.12 -3.73 18.58
C LEU B 61 -14.32 -2.57 19.18
N ALA B 62 -14.89 -1.37 19.17
CA ALA B 62 -14.30 -0.24 19.88
C ALA B 62 -14.90 -0.09 21.28
N GLY B 63 -16.22 -0.16 21.39
CA GLY B 63 -16.89 -0.02 22.67
C GLY B 63 -17.56 1.32 22.84
N LYS B 64 -18.24 1.79 21.79
CA LYS B 64 -18.89 3.10 21.83
C LYS B 64 -19.79 3.26 23.04
N LYS B 65 -20.77 2.37 23.19
CA LYS B 65 -21.68 2.39 24.32
C LYS B 65 -22.29 1.00 24.44
N LYS B 66 -23.37 0.89 25.23
CA LYS B 66 -24.14 -0.34 25.26
C LYS B 66 -24.93 -0.44 23.97
N GLY B 67 -24.23 -0.73 22.88
CA GLY B 67 -24.78 -0.60 21.53
C GLY B 67 -24.68 0.83 21.02
N PHE B 68 -24.56 0.95 19.70
CA PHE B 68 -24.49 2.26 19.06
C PHE B 68 -25.73 2.46 18.21
N SER B 69 -26.28 3.68 18.27
CA SER B 69 -27.56 3.99 17.63
C SER B 69 -27.36 4.14 16.13
N LEU B 70 -27.45 3.02 15.42
CA LEU B 70 -27.44 2.96 13.96
C LEU B 70 -26.19 3.61 13.35
N GLY B 71 -25.10 3.69 14.10
CA GLY B 71 -23.88 4.31 13.61
C GLY B 71 -24.07 5.77 13.22
N SER B 72 -24.00 6.05 11.92
CA SER B 72 -24.25 7.41 11.42
C SER B 72 -24.81 7.28 10.00
N THR B 73 -26.13 7.34 9.89
CA THR B 73 -26.78 7.26 8.59
C THR B 73 -27.09 8.63 8.00
N VAL B 74 -26.99 9.70 8.78
CA VAL B 74 -27.19 11.03 8.24
C VAL B 74 -26.03 11.44 7.34
N GLN B 75 -24.90 10.74 7.42
CA GLN B 75 -23.76 10.95 6.53
C GLN B 75 -23.36 9.58 5.99
N SER B 76 -24.05 9.14 4.93
CA SER B 76 -23.72 7.90 4.24
C SER B 76 -22.99 8.26 2.95
N HIS B 77 -21.69 8.53 3.08
CA HIS B 77 -20.87 8.85 1.93
C HIS B 77 -20.79 7.65 1.00
N THR B 78 -21.31 7.80 -0.21
CA THR B 78 -21.24 6.69 -1.17
C THR B 78 -19.77 6.40 -1.45
N LYS B 79 -19.28 5.27 -0.94
CA LYS B 79 -17.85 5.00 -0.87
C LYS B 79 -17.64 3.49 -0.90
N GLY B 80 -16.42 3.08 -0.59
CA GLY B 80 -16.09 1.66 -0.58
C GLY B 80 -15.53 1.15 0.73
N ILE B 81 -14.93 2.03 1.54
CA ILE B 81 -14.22 1.60 2.75
C ILE B 81 -14.32 2.70 3.81
N TRP B 82 -14.51 2.28 5.06
CA TRP B 82 -14.46 3.14 6.23
C TRP B 82 -13.31 2.71 7.13
N MET B 83 -12.93 3.62 8.03
CA MET B 83 -11.91 3.33 9.04
C MET B 83 -12.34 3.87 10.40
N TRP B 84 -11.83 3.26 11.46
CA TRP B 84 -12.10 3.71 12.82
C TRP B 84 -10.95 3.23 13.70
N CYS B 85 -10.12 4.17 14.16
CA CYS B 85 -8.90 3.84 14.92
C CYS B 85 -9.11 4.20 16.39
N VAL B 86 -9.07 3.18 17.24
CA VAL B 86 -9.22 3.37 18.69
C VAL B 86 -8.06 2.66 19.38
N PRO B 87 -7.75 3.05 20.62
CA PRO B 87 -6.68 2.37 21.36
C PRO B 87 -7.03 0.92 21.65
N HIS B 88 -6.03 0.05 21.50
CA HIS B 88 -6.22 -1.37 21.75
C HIS B 88 -6.37 -1.63 23.25
N PRO B 89 -7.39 -2.35 23.68
CA PRO B 89 -7.63 -2.52 25.13
C PRO B 89 -6.69 -3.50 25.80
N LYS B 90 -6.34 -4.60 25.12
CA LYS B 90 -5.56 -5.65 25.74
C LYS B 90 -4.07 -5.58 25.39
N LYS B 91 -3.70 -4.97 24.27
CA LYS B 91 -2.30 -4.79 23.92
C LYS B 91 -1.91 -3.34 24.14
N PRO B 92 -0.98 -3.07 25.07
CA PRO B 92 -0.84 -1.72 25.61
C PRO B 92 -0.42 -0.65 24.62
N GLY B 93 0.70 -0.86 23.94
CA GLY B 93 1.26 0.18 23.10
C GLY B 93 0.67 0.29 21.72
N HIS B 94 -0.09 -0.71 21.28
CA HIS B 94 -0.58 -0.77 19.92
C HIS B 94 -1.91 -0.02 19.78
N ILE B 95 -2.23 0.31 18.53
CA ILE B 95 -3.47 1.03 18.19
C ILE B 95 -4.37 0.09 17.40
N LEU B 96 -5.60 -0.05 17.86
CA LEU B 96 -6.56 -0.96 17.24
C LEU B 96 -7.28 -0.23 16.10
N VAL B 97 -7.08 -0.72 14.88
CA VAL B 97 -7.67 -0.11 13.70
C VAL B 97 -8.81 -0.99 13.20
N LEU B 98 -9.93 -0.37 12.85
CA LEU B 98 -11.13 -1.06 12.38
C LEU B 98 -11.46 -0.61 10.97
N LEU B 99 -11.54 -1.56 10.05
CA LEU B 99 -11.89 -1.31 8.66
C LEU B 99 -13.29 -1.82 8.38
N ASP B 100 -13.91 -1.24 7.35
CA ASP B 100 -15.27 -1.61 6.97
C ASP B 100 -15.53 -1.16 5.55
N THR B 101 -16.36 -1.92 4.84
CA THR B 101 -16.84 -1.53 3.53
C THR B 101 -18.12 -0.71 3.67
N GLU B 102 -18.29 0.29 2.81
CA GLU B 102 -19.50 1.10 2.83
C GLU B 102 -20.75 0.30 2.48
N GLY B 103 -20.59 -0.95 2.07
CA GLY B 103 -21.71 -1.73 1.60
C GLY B 103 -21.67 -1.91 0.11
N LEU B 104 -21.43 -3.13 -0.35
CA LEU B 104 -21.40 -3.44 -1.77
C LEU B 104 -22.79 -3.92 -2.21
N GLY B 105 -22.94 -4.07 -3.51
CA GLY B 105 -24.15 -4.62 -4.08
C GLY B 105 -25.08 -3.67 -4.78
N ASP B 106 -24.59 -2.52 -5.25
CA ASP B 106 -25.40 -1.58 -6.04
C ASP B 106 -26.68 -1.19 -5.29
N VAL B 107 -26.50 -0.62 -4.10
CA VAL B 107 -27.65 -0.33 -3.24
C VAL B 107 -28.33 0.97 -3.68
N GLU B 108 -27.63 2.09 -3.56
CA GLU B 108 -28.13 3.38 -4.01
C GLU B 108 -27.47 3.85 -5.30
N LYS B 109 -26.21 3.47 -5.51
CA LYS B 109 -25.54 3.65 -6.78
C LYS B 109 -24.94 2.32 -7.20
N GLY B 110 -24.63 2.19 -8.48
CA GLY B 110 -24.09 0.95 -8.97
C GLY B 110 -22.59 0.97 -8.76
N ASP B 111 -21.82 0.91 -9.85
CA ASP B 111 -20.38 1.10 -9.83
C ASP B 111 -19.67 -0.02 -9.06
N ASN B 112 -20.43 -1.01 -8.56
CA ASN B 112 -19.83 -2.22 -7.99
C ASN B 112 -18.92 -2.95 -8.98
N GLN B 113 -18.74 -2.42 -10.19
CA GLN B 113 -17.77 -2.84 -11.19
C GLN B 113 -16.41 -3.13 -10.56
N ASN B 114 -15.94 -2.22 -9.71
CA ASN B 114 -14.65 -2.36 -9.03
C ASN B 114 -14.79 -2.92 -7.62
N ASP B 115 -15.82 -3.73 -7.36
CA ASP B 115 -15.98 -4.30 -6.03
C ASP B 115 -14.89 -5.31 -5.72
N SER B 116 -14.34 -5.99 -6.73
CA SER B 116 -13.33 -7.00 -6.49
C SER B 116 -12.07 -6.39 -5.90
N TRP B 117 -11.80 -5.11 -6.17
CA TRP B 117 -10.65 -4.45 -5.56
C TRP B 117 -10.90 -4.17 -4.08
N ILE B 118 -12.12 -3.77 -3.73
CA ILE B 118 -12.45 -3.44 -2.34
C ILE B 118 -12.16 -4.63 -1.43
N PHE B 119 -12.43 -5.85 -1.93
CA PHE B 119 -12.14 -7.04 -1.14
C PHE B 119 -10.64 -7.25 -1.01
N ALA B 120 -9.92 -7.25 -2.14
CA ALA B 120 -8.48 -7.45 -2.11
C ALA B 120 -7.79 -6.38 -1.27
N LEU B 121 -8.26 -5.13 -1.37
CA LEU B 121 -7.68 -4.05 -0.58
C LEU B 121 -7.82 -4.34 0.91
N ALA B 122 -8.97 -4.84 1.34
CA ALA B 122 -9.17 -5.17 2.74
C ALA B 122 -8.27 -6.32 3.17
N VAL B 123 -7.86 -7.18 2.25
CA VAL B 123 -6.96 -8.28 2.59
C VAL B 123 -5.56 -7.74 2.84
N LEU B 124 -5.05 -6.93 1.92
CA LEU B 124 -3.68 -6.42 2.04
C LEU B 124 -3.51 -5.50 3.25
N LEU B 125 -4.56 -4.73 3.58
CA LEU B 125 -4.45 -3.71 4.61
C LEU B 125 -4.67 -4.26 6.01
N SER B 126 -5.16 -5.48 6.16
CA SER B 126 -5.60 -6.00 7.45
C SER B 126 -4.62 -7.02 8.02
N SER B 127 -4.73 -7.21 9.34
CA SER B 127 -4.06 -8.29 10.04
C SER B 127 -5.02 -9.37 10.52
N THR B 128 -6.32 -9.09 10.54
CA THR B 128 -7.35 -10.08 10.86
C THR B 128 -8.57 -9.77 10.01
N PHE B 129 -9.00 -10.74 9.21
CA PHE B 129 -10.02 -10.52 8.19
C PHE B 129 -11.36 -11.07 8.67
N VAL B 130 -12.35 -10.20 8.81
CA VAL B 130 -13.69 -10.56 9.24
C VAL B 130 -14.65 -10.36 8.09
N TYR B 131 -15.44 -11.39 7.78
CA TYR B 131 -16.37 -11.38 6.66
C TYR B 131 -17.77 -11.68 7.21
N ASN B 132 -18.72 -10.77 6.94
CA ASN B 132 -20.06 -10.85 7.51
C ASN B 132 -21.03 -11.30 6.42
N SER B 133 -21.61 -12.48 6.60
CA SER B 133 -22.69 -12.99 5.77
C SER B 133 -23.82 -13.45 6.67
N ILE B 134 -24.99 -13.66 6.08
CA ILE B 134 -26.21 -13.92 6.85
C ILE B 134 -26.48 -15.42 6.80
N GLY B 135 -25.90 -16.14 7.76
CA GLY B 135 -26.31 -17.49 8.09
C GLY B 135 -26.03 -18.58 7.06
N THR B 136 -25.95 -19.83 7.56
CA THR B 136 -25.96 -21.06 6.76
C THR B 136 -25.15 -20.97 5.48
N ILE B 137 -23.82 -20.87 5.60
CA ILE B 137 -22.94 -20.77 4.43
C ILE B 137 -23.35 -21.83 3.41
N ASN B 138 -23.67 -21.38 2.20
CA ASN B 138 -24.43 -22.20 1.26
C ASN B 138 -23.95 -21.91 -0.15
N GLN B 139 -24.74 -22.38 -1.13
CA GLN B 139 -24.44 -22.11 -2.53
C GLN B 139 -24.56 -20.63 -2.85
N GLN B 140 -25.64 -19.98 -2.37
CA GLN B 140 -25.81 -18.56 -2.60
C GLN B 140 -24.77 -17.72 -1.87
N ALA B 141 -24.14 -18.26 -0.83
CA ALA B 141 -23.11 -17.52 -0.11
C ALA B 141 -21.75 -17.64 -0.81
N MET B 142 -21.33 -18.86 -1.12
CA MET B 142 -20.08 -19.07 -1.84
C MET B 142 -20.09 -18.51 -3.25
N ASP B 143 -21.26 -18.08 -3.75
CA ASP B 143 -21.34 -17.34 -5.00
C ASP B 143 -21.12 -15.85 -4.80
N GLN B 144 -21.64 -15.29 -3.70
CA GLN B 144 -21.41 -13.89 -3.39
C GLN B 144 -19.98 -13.63 -2.93
N LEU B 145 -19.25 -14.67 -2.53
CA LEU B 145 -17.84 -14.54 -2.18
C LEU B 145 -16.93 -14.72 -3.38
N TYR B 146 -17.42 -14.41 -4.58
CA TYR B 146 -16.63 -14.53 -5.81
C TYR B 146 -15.42 -13.62 -5.83
N TYR B 147 -15.34 -12.64 -4.91
CA TYR B 147 -14.16 -11.77 -4.86
C TYR B 147 -12.90 -12.58 -4.58
N VAL B 148 -13.01 -13.64 -3.77
CA VAL B 148 -11.85 -14.48 -3.49
C VAL B 148 -11.40 -15.23 -4.74
N THR B 149 -12.27 -15.40 -5.73
CA THR B 149 -11.88 -15.98 -6.99
C THR B 149 -11.11 -15.00 -7.88
N GLU B 150 -11.32 -13.70 -7.68
CA GLU B 150 -10.61 -12.69 -8.44
C GLU B 150 -9.21 -12.40 -7.90
N LEU B 151 -8.90 -12.88 -6.68
CA LEU B 151 -7.62 -12.53 -6.05
C LEU B 151 -6.44 -13.09 -6.84
N THR B 152 -6.60 -14.29 -7.40
CA THR B 152 -5.51 -14.89 -8.17
C THR B 152 -5.12 -14.03 -9.36
N HIS B 153 -6.04 -13.19 -9.86
CA HIS B 153 -5.74 -12.24 -10.92
C HIS B 153 -5.79 -10.80 -10.43
N ARG B 154 -6.13 -10.57 -9.16
CA ARG B 154 -6.22 -9.21 -8.64
C ARG B 154 -4.86 -8.67 -8.23
N ILE B 155 -4.10 -9.48 -7.48
CA ILE B 155 -2.84 -9.04 -6.88
C ILE B 155 -1.73 -9.99 -7.30
N ARG B 156 -0.51 -9.65 -6.89
CA ARG B 156 0.65 -10.50 -7.10
C ARG B 156 1.58 -10.35 -5.91
N SER B 157 2.39 -11.39 -5.68
CA SER B 157 3.33 -11.39 -4.57
C SER B 157 4.66 -10.75 -4.97
N LYS B 158 5.30 -11.27 -6.01
CA LYS B 158 6.53 -10.70 -6.55
C LYS B 158 6.24 -10.04 -7.89
N SER B 159 7.14 -9.16 -8.29
CA SER B 159 6.98 -8.38 -9.52
C SER B 159 7.99 -8.82 -10.57
N SER B 160 7.57 -8.73 -11.83
CA SER B 160 8.32 -9.06 -13.03
C SER B 160 8.86 -7.81 -13.70
N PRO B 161 10.13 -7.82 -14.13
CA PRO B 161 10.73 -6.67 -14.83
C PRO B 161 10.10 -6.40 -16.19
N ASP B 170 1.92 -17.31 -8.88
CA ASP B 170 1.59 -16.00 -8.30
C ASP B 170 0.89 -16.15 -6.96
N SER B 171 -0.17 -16.97 -6.94
CA SER B 171 -1.01 -17.09 -5.76
C SER B 171 -0.40 -17.95 -4.66
N ALA B 172 0.75 -18.58 -4.91
CA ALA B 172 1.30 -19.50 -3.93
C ALA B 172 1.73 -18.78 -2.66
N ASP B 173 2.31 -17.59 -2.80
CA ASP B 173 2.86 -16.86 -1.66
C ASP B 173 1.80 -16.18 -0.79
N PHE B 174 0.51 -16.29 -1.16
CA PHE B 174 -0.52 -15.54 -0.46
C PHE B 174 -0.60 -15.91 1.01
N VAL B 175 -0.45 -17.21 1.33
CA VAL B 175 -0.62 -17.68 2.69
C VAL B 175 0.40 -17.08 3.64
N SER B 176 1.54 -16.62 3.10
CA SER B 176 2.60 -16.09 3.97
C SER B 176 2.20 -14.78 4.63
N PHE B 177 1.47 -13.92 3.93
CA PHE B 177 1.18 -12.59 4.44
C PHE B 177 -0.31 -12.27 4.53
N PHE B 178 -1.20 -13.16 4.08
CA PHE B 178 -2.62 -12.91 4.22
C PHE B 178 -3.03 -12.96 5.70
N PRO B 179 -4.09 -12.25 6.07
CA PRO B 179 -4.56 -12.29 7.46
C PRO B 179 -5.33 -13.57 7.71
N ASP B 180 -5.88 -13.68 8.93
CA ASP B 180 -6.65 -14.86 9.31
C ASP B 180 -8.12 -14.65 8.99
N PHE B 181 -8.69 -15.59 8.24
CA PHE B 181 -10.09 -15.49 7.83
C PHE B 181 -11.01 -15.72 9.02
N VAL B 182 -11.93 -14.79 9.24
CA VAL B 182 -12.95 -14.90 10.28
C VAL B 182 -14.30 -14.68 9.62
N TRP B 183 -15.17 -15.70 9.71
CA TRP B 183 -16.50 -15.64 9.11
C TRP B 183 -17.53 -15.50 10.22
N THR B 184 -18.16 -14.32 10.28
CA THR B 184 -19.26 -14.07 11.21
C THR B 184 -20.57 -14.38 10.50
N LEU B 185 -21.27 -15.40 10.99
CA LEU B 185 -22.53 -15.84 10.40
C LEU B 185 -23.67 -15.08 11.05
N ARG B 186 -24.36 -14.25 10.27
CA ARG B 186 -25.41 -13.42 10.82
C ARG B 186 -26.71 -14.19 10.89
N ASP B 187 -27.28 -14.25 12.10
CA ASP B 187 -28.66 -14.68 12.34
C ASP B 187 -28.81 -16.17 12.03
N PHE B 188 -27.85 -16.99 12.47
CA PHE B 188 -27.84 -18.40 12.13
C PHE B 188 -28.07 -19.31 13.33
N SER B 189 -27.16 -19.29 14.32
CA SER B 189 -27.29 -20.01 15.58
C SER B 189 -27.99 -21.37 15.45
N LEU B 190 -27.61 -22.18 14.48
CA LEU B 190 -28.33 -23.41 14.19
C LEU B 190 -28.01 -24.50 15.19
N ASP B 191 -29.04 -25.22 15.62
CA ASP B 191 -28.89 -26.35 16.54
C ASP B 191 -28.80 -27.66 15.76
N LEU B 192 -27.78 -27.76 14.92
CA LEU B 192 -27.55 -28.94 14.09
C LEU B 192 -26.69 -29.92 14.88
N GLU B 193 -27.36 -30.79 15.64
CA GLU B 193 -26.66 -31.78 16.44
C GLU B 193 -25.96 -32.80 15.54
N ALA B 194 -24.72 -33.13 15.91
CA ALA B 194 -23.93 -34.08 15.13
C ALA B 194 -24.52 -35.48 15.20
N LEU B 199 -22.26 -30.20 16.34
CA LEU B 199 -21.01 -29.61 15.89
C LEU B 199 -20.79 -28.24 16.51
N THR B 200 -19.53 -27.77 16.50
CA THR B 200 -19.10 -26.46 16.98
C THR B 200 -18.88 -25.52 15.79
N PRO B 201 -19.07 -24.21 15.99
CA PRO B 201 -18.91 -23.26 14.87
C PRO B 201 -17.65 -23.46 14.04
N ASP B 202 -16.53 -23.82 14.67
CA ASP B 202 -15.32 -24.08 13.89
C ASP B 202 -15.44 -25.38 13.10
N GLU B 203 -16.12 -26.38 13.66
CA GLU B 203 -16.35 -27.61 12.90
C GLU B 203 -17.29 -27.38 11.73
N TYR B 204 -18.18 -26.39 11.83
CA TYR B 204 -19.05 -26.08 10.70
C TYR B 204 -18.28 -25.40 9.57
N LEU B 205 -17.38 -24.46 9.93
CA LEU B 205 -16.57 -23.80 8.91
C LEU B 205 -15.63 -24.78 8.21
N THR B 206 -15.21 -25.83 8.91
CA THR B 206 -14.39 -26.86 8.27
C THR B 206 -15.25 -27.82 7.46
N TYR B 207 -16.44 -28.17 7.98
CA TYR B 207 -17.35 -29.03 7.22
C TYR B 207 -17.86 -28.34 5.97
N SER B 208 -18.15 -27.04 6.06
CA SER B 208 -18.55 -26.29 4.88
C SER B 208 -17.43 -26.20 3.87
N LEU B 209 -16.18 -26.14 4.33
CA LEU B 209 -15.03 -26.02 3.46
C LEU B 209 -14.60 -27.33 2.84
N LYS B 210 -15.34 -28.42 3.06
CA LYS B 210 -15.04 -29.68 2.41
C LYS B 210 -15.47 -29.62 0.94
N LEU B 211 -14.76 -30.37 0.10
CA LEU B 211 -14.95 -30.31 -1.34
C LEU B 211 -15.77 -31.51 -1.81
N LYS B 212 -16.03 -31.55 -3.12
CA LYS B 212 -16.75 -32.63 -3.76
C LYS B 212 -15.86 -33.25 -4.84
N LYS B 213 -15.49 -34.51 -4.65
CA LYS B 213 -14.63 -35.19 -5.60
C LYS B 213 -15.33 -35.35 -6.94
N GLY B 214 -14.56 -35.21 -8.01
CA GLY B 214 -15.12 -35.32 -9.34
C GLY B 214 -14.28 -34.56 -10.35
N THR B 215 -14.64 -34.73 -11.62
CA THR B 215 -13.93 -34.10 -12.73
C THR B 215 -14.84 -33.23 -13.58
N SER B 216 -16.04 -32.93 -13.11
CA SER B 216 -16.97 -32.11 -13.88
C SER B 216 -16.65 -30.63 -13.71
N GLN B 217 -17.24 -29.82 -14.59
CA GLN B 217 -17.08 -28.37 -14.48
C GLN B 217 -17.86 -27.81 -13.30
N LYS B 218 -18.92 -28.49 -12.86
CA LYS B 218 -19.66 -28.04 -11.68
C LYS B 218 -18.95 -28.39 -10.39
N ASP B 219 -18.13 -29.46 -10.40
CA ASP B 219 -17.34 -29.79 -9.22
C ASP B 219 -16.25 -28.76 -9.00
N GLU B 220 -15.52 -28.39 -10.06
CA GLU B 220 -14.46 -27.39 -9.92
C GLU B 220 -15.02 -26.02 -9.60
N THR B 221 -16.13 -25.65 -10.25
CA THR B 221 -16.72 -24.33 -10.03
C THR B 221 -17.26 -24.16 -8.62
N PHE B 222 -17.57 -25.25 -7.93
CA PHE B 222 -18.06 -25.16 -6.56
C PHE B 222 -16.99 -25.47 -5.53
N ASN B 223 -15.94 -26.20 -5.91
CA ASN B 223 -14.79 -26.41 -5.03
C ASN B 223 -13.77 -25.29 -5.10
N LEU B 224 -13.82 -24.47 -6.16
CA LEU B 224 -12.85 -23.39 -6.33
C LEU B 224 -12.91 -22.36 -5.21
N PRO B 225 -14.06 -21.78 -4.85
CA PRO B 225 -14.06 -20.78 -3.76
C PRO B 225 -13.65 -21.34 -2.42
N ARG B 226 -13.81 -22.65 -2.19
CA ARG B 226 -13.36 -23.24 -0.94
C ARG B 226 -11.85 -23.43 -0.93
N LEU B 227 -11.26 -23.81 -2.07
CA LEU B 227 -9.82 -23.95 -2.17
C LEU B 227 -9.12 -22.62 -1.91
N CYS B 228 -9.71 -21.52 -2.37
CA CYS B 228 -9.12 -20.21 -2.15
C CYS B 228 -9.11 -19.86 -0.67
N ILE B 229 -10.26 -19.99 0.00
CA ILE B 229 -10.35 -19.65 1.42
C ILE B 229 -9.55 -20.60 2.30
N ARG B 230 -9.09 -21.73 1.76
CA ARG B 230 -8.27 -22.68 2.50
C ARG B 230 -6.78 -22.51 2.24
N LYS B 231 -6.39 -22.38 0.97
CA LYS B 231 -4.97 -22.30 0.62
C LYS B 231 -4.37 -20.93 0.91
N PHE B 232 -5.19 -19.88 0.91
CA PHE B 232 -4.68 -18.52 0.98
C PHE B 232 -4.56 -17.97 2.38
N PHE B 233 -5.29 -18.52 3.36
CA PHE B 233 -5.33 -17.89 4.67
C PHE B 233 -4.69 -18.78 5.72
N PRO B 234 -3.76 -18.26 6.51
CA PRO B 234 -3.07 -19.11 7.49
C PRO B 234 -3.99 -19.66 8.58
N LYS B 235 -4.71 -18.79 9.29
CA LYS B 235 -5.56 -19.19 10.40
C LYS B 235 -7.02 -18.93 10.05
N LYS B 236 -7.92 -19.73 10.63
CA LYS B 236 -9.34 -19.64 10.33
C LYS B 236 -10.14 -19.84 11.62
N LYS B 237 -11.04 -18.90 11.89
CA LYS B 237 -11.91 -18.95 13.07
C LYS B 237 -13.29 -18.44 12.68
N CYS B 238 -14.32 -19.12 13.18
CA CYS B 238 -15.70 -18.81 12.80
C CYS B 238 -16.50 -18.34 14.01
N PHE B 239 -17.48 -17.48 13.74
CA PHE B 239 -18.37 -16.95 14.76
C PHE B 239 -19.78 -16.85 14.20
N VAL B 240 -20.75 -16.65 15.10
CA VAL B 240 -22.16 -16.68 14.75
C VAL B 240 -22.91 -15.58 15.51
N PHE B 241 -24.13 -15.29 15.05
CA PHE B 241 -24.99 -14.25 15.60
C PHE B 241 -26.28 -14.83 16.15
N ASP B 242 -27.06 -13.99 16.85
CA ASP B 242 -28.29 -14.43 17.49
C ASP B 242 -29.54 -13.62 17.11
N ARG B 243 -29.42 -12.33 16.72
CA ARG B 243 -30.54 -11.69 16.04
C ARG B 243 -31.85 -11.56 16.83
N PRO B 244 -32.09 -10.45 17.57
CA PRO B 244 -33.32 -10.30 18.38
C PRO B 244 -34.60 -10.79 17.72
N VAL B 245 -35.58 -11.16 18.56
CA VAL B 245 -36.73 -11.95 18.11
C VAL B 245 -37.73 -11.17 17.28
N HIS B 246 -37.65 -9.84 17.25
CA HIS B 246 -38.56 -9.04 16.44
C HIS B 246 -38.09 -9.09 14.99
N ARG B 247 -38.86 -9.77 14.13
CA ARG B 247 -38.45 -10.04 12.76
C ARG B 247 -38.73 -8.90 11.80
N ARG B 248 -39.35 -7.82 12.24
CA ARG B 248 -39.64 -6.69 11.37
C ARG B 248 -38.99 -5.39 11.81
N LYS B 249 -38.35 -5.36 12.97
CA LYS B 249 -37.79 -4.11 13.49
C LYS B 249 -36.55 -3.70 12.71
N LEU B 250 -36.55 -2.46 12.22
CA LEU B 250 -35.38 -1.83 11.62
C LEU B 250 -34.45 -1.35 12.74
N ALA B 251 -33.52 -0.45 12.42
CA ALA B 251 -32.46 -0.08 13.36
C ALA B 251 -33.08 0.67 14.53
N GLN B 252 -33.66 -0.10 15.45
CA GLN B 252 -34.33 0.43 16.63
C GLN B 252 -33.29 0.80 17.68
N LEU B 253 -33.28 2.07 18.08
CA LEU B 253 -32.33 2.58 19.06
C LEU B 253 -32.84 2.25 20.45
N GLU B 254 -32.31 1.18 21.04
CA GLU B 254 -32.72 0.76 22.37
C GLU B 254 -31.70 -0.24 22.90
N LYS B 255 -31.22 -0.02 24.11
CA LYS B 255 -30.26 -0.92 24.74
C LYS B 255 -30.90 -1.80 25.81
N LEU B 256 -31.99 -1.35 26.43
CA LEU B 256 -32.71 -2.22 27.34
C LEU B 256 -33.68 -3.13 26.60
N GLN B 257 -34.27 -2.64 25.51
CA GLN B 257 -34.99 -3.53 24.60
C GLN B 257 -34.03 -4.44 23.83
N ASP B 258 -32.74 -4.13 23.83
CA ASP B 258 -31.75 -5.07 23.31
C ASP B 258 -31.33 -6.07 24.38
N GLU B 259 -31.35 -5.68 25.65
CA GLU B 259 -31.13 -6.62 26.74
C GLU B 259 -32.26 -7.65 26.82
N GLU B 260 -33.47 -7.26 26.46
CA GLU B 260 -34.57 -8.20 26.27
C GLU B 260 -34.56 -8.84 24.89
N LEU B 261 -33.47 -8.64 24.14
CA LEU B 261 -33.38 -9.14 22.78
C LEU B 261 -31.99 -9.69 22.47
N ASP B 262 -31.20 -10.01 23.49
CA ASP B 262 -29.86 -10.54 23.29
C ASP B 262 -29.44 -11.41 24.48
N PRO B 263 -30.16 -12.51 24.77
CA PRO B 263 -29.78 -13.35 25.91
C PRO B 263 -28.43 -14.01 25.73
N GLU B 264 -28.28 -14.75 24.63
CA GLU B 264 -27.01 -15.37 24.26
C GLU B 264 -26.38 -14.69 23.06
N PHE B 265 -26.84 -13.48 22.72
CA PHE B 265 -26.32 -12.69 21.61
C PHE B 265 -25.16 -11.82 22.04
N VAL B 266 -25.35 -11.06 23.12
CA VAL B 266 -24.26 -10.27 23.68
C VAL B 266 -23.15 -11.19 24.19
N GLN B 267 -23.51 -12.41 24.61
CA GLN B 267 -22.50 -13.39 24.98
C GLN B 267 -21.69 -13.84 23.77
N GLN B 268 -22.28 -13.82 22.58
CA GLN B 268 -21.55 -14.15 21.36
C GLN B 268 -20.65 -12.99 20.93
N VAL B 269 -21.13 -11.76 21.09
CA VAL B 269 -20.39 -10.60 20.60
C VAL B 269 -19.30 -10.19 21.60
N ALA B 270 -19.59 -10.28 22.89
CA ALA B 270 -18.56 -10.00 23.89
C ALA B 270 -17.49 -11.08 23.92
N ASP B 271 -17.81 -12.30 23.47
CA ASP B 271 -16.79 -13.33 23.32
C ASP B 271 -16.01 -13.15 22.01
N PHE B 272 -16.69 -12.76 20.94
CA PHE B 272 -16.02 -12.49 19.68
C PHE B 272 -15.01 -11.35 19.81
N CYS B 273 -15.40 -10.28 20.51
CA CYS B 273 -14.48 -9.17 20.71
C CYS B 273 -13.37 -9.52 21.68
N SER B 274 -13.65 -10.39 22.67
CA SER B 274 -12.60 -10.83 23.58
C SER B 274 -11.60 -11.75 22.90
N TYR B 275 -11.98 -12.39 21.79
CA TYR B 275 -11.04 -13.18 21.00
C TYR B 275 -10.21 -12.28 20.10
N ILE B 276 -10.86 -11.34 19.41
CA ILE B 276 -10.14 -10.42 18.52
C ILE B 276 -9.12 -9.62 19.32
N PHE B 277 -9.48 -9.23 20.54
CA PHE B 277 -8.57 -8.41 21.34
C PHE B 277 -7.32 -9.19 21.75
N SER B 278 -7.48 -10.47 22.11
CA SER B 278 -6.38 -11.25 22.66
C SER B 278 -5.81 -12.29 21.69
N ASN B 279 -6.24 -12.27 20.43
CA ASN B 279 -5.72 -13.23 19.46
C ASN B 279 -5.48 -12.66 18.07
N SER B 280 -5.68 -11.36 17.85
CA SER B 280 -5.38 -10.74 16.56
C SER B 280 -3.97 -10.19 16.59
N LYS B 281 -3.18 -10.54 15.58
CA LYS B 281 -1.77 -10.17 15.56
C LYS B 281 -1.58 -8.75 15.06
N THR B 282 -0.49 -8.14 15.49
CA THR B 282 -0.12 -6.82 14.99
C THR B 282 0.22 -6.90 13.51
N LYS B 283 -0.21 -5.89 12.76
CA LYS B 283 0.04 -5.89 11.32
C LYS B 283 1.52 -5.84 11.02
N THR B 284 2.00 -6.80 10.25
CA THR B 284 3.42 -6.93 9.93
C THR B 284 3.61 -6.98 8.41
N LEU B 285 4.83 -6.68 7.99
CA LEU B 285 5.25 -6.77 6.60
C LEU B 285 6.51 -7.64 6.54
N SER B 286 7.04 -7.80 5.33
CA SER B 286 8.22 -8.64 5.13
C SER B 286 9.41 -8.12 5.92
N GLY B 287 9.84 -8.89 6.91
CA GLY B 287 10.95 -8.54 7.75
C GLY B 287 10.62 -8.08 9.16
N GLY B 288 9.45 -8.42 9.67
CA GLY B 288 9.06 -7.99 11.01
C GLY B 288 8.71 -6.51 11.08
N ILE B 289 8.28 -5.92 9.97
CA ILE B 289 7.97 -4.50 9.91
C ILE B 289 6.67 -4.22 10.64
N GLN B 290 6.75 -3.68 11.84
CA GLN B 290 5.57 -3.32 12.62
C GLN B 290 4.91 -2.12 11.97
N VAL B 291 3.83 -2.37 11.22
CA VAL B 291 3.19 -1.32 10.45
C VAL B 291 2.55 -0.30 11.38
N ASN B 292 2.84 0.98 11.14
CA ASN B 292 2.23 2.06 11.91
C ASN B 292 1.56 3.06 10.96
N GLY B 293 1.18 4.22 11.49
CA GLY B 293 0.45 5.22 10.74
C GLY B 293 1.03 5.55 9.39
N PRO B 294 2.22 6.15 9.37
CA PRO B 294 2.83 6.51 8.08
C PRO B 294 3.08 5.32 7.16
N ARG B 295 3.42 4.16 7.72
CA ARG B 295 3.61 2.97 6.89
C ARG B 295 2.28 2.52 6.28
N LEU B 296 1.22 2.49 7.09
CA LEU B 296 -0.10 2.18 6.55
C LEU B 296 -0.53 3.24 5.55
N GLU B 297 -0.16 4.50 5.79
CA GLU B 297 -0.48 5.58 4.86
C GLU B 297 0.16 5.32 3.50
N SER B 298 1.45 4.97 3.49
CA SER B 298 2.11 4.66 2.23
C SER B 298 1.56 3.39 1.61
N LEU B 299 1.03 2.48 2.42
CA LEU B 299 0.46 1.25 1.90
C LEU B 299 -0.80 1.53 1.09
N VAL B 300 -1.80 2.16 1.71
CA VAL B 300 -3.05 2.44 1.01
C VAL B 300 -2.79 3.34 -0.20
N LEU B 301 -1.87 4.31 -0.06
CA LEU B 301 -1.60 5.23 -1.15
C LEU B 301 -0.97 4.52 -2.34
N THR B 302 0.05 3.70 -2.10
CA THR B 302 0.69 2.99 -3.20
C THR B 302 -0.19 1.93 -3.82
N TYR B 303 -1.20 1.45 -3.09
CA TYR B 303 -2.08 0.42 -3.63
C TYR B 303 -3.15 1.00 -4.54
N VAL B 304 -3.82 2.07 -4.10
CA VAL B 304 -4.88 2.66 -4.92
C VAL B 304 -4.29 3.36 -6.14
N ASN B 305 -3.14 4.02 -5.98
CA ASN B 305 -2.49 4.67 -7.11
C ASN B 305 -1.99 3.66 -8.13
N ALA B 306 -1.73 2.42 -7.70
CA ALA B 306 -1.44 1.36 -8.66
C ALA B 306 -2.71 0.87 -9.35
N ILE B 307 -3.84 0.88 -8.65
CA ILE B 307 -5.10 0.50 -9.25
C ILE B 307 -5.54 1.54 -10.28
N SER B 308 -5.61 2.81 -9.86
CA SER B 308 -6.12 3.86 -10.74
C SER B 308 -5.21 4.08 -11.94
N SER B 309 -3.91 3.78 -11.81
CA SER B 309 -3.00 3.90 -12.94
C SER B 309 -3.16 2.78 -13.95
N GLY B 310 -3.87 1.70 -13.60
CA GLY B 310 -4.13 0.62 -14.52
C GLY B 310 -3.27 -0.61 -14.33
N ASP B 311 -2.55 -0.72 -13.21
CA ASP B 311 -1.70 -1.87 -12.94
C ASP B 311 -2.27 -2.68 -11.78
N LEU B 312 -1.72 -3.88 -11.60
CA LEU B 312 -2.17 -4.66 -10.46
C LEU B 312 -1.36 -4.31 -9.21
N PRO B 313 -1.98 -4.31 -8.04
CA PRO B 313 -1.25 -3.99 -6.80
C PRO B 313 -0.39 -5.17 -6.36
N CYS B 314 0.89 -4.89 -6.09
CA CYS B 314 1.84 -5.89 -5.65
C CYS B 314 2.36 -5.51 -4.27
N MET B 315 2.40 -6.48 -3.36
CA MET B 315 2.89 -6.20 -2.01
C MET B 315 4.38 -5.94 -1.99
N GLU B 316 5.12 -6.40 -2.99
CA GLU B 316 6.55 -6.12 -3.04
C GLU B 316 6.81 -4.67 -3.41
N ASN B 317 6.14 -4.18 -4.46
CA ASN B 317 6.32 -2.79 -4.87
C ASN B 317 5.86 -1.82 -3.78
N ALA B 318 4.89 -2.23 -2.96
CA ALA B 318 4.41 -1.35 -1.90
C ALA B 318 5.42 -1.28 -0.75
N VAL B 319 6.08 -2.39 -0.43
CA VAL B 319 7.08 -2.37 0.62
C VAL B 319 8.41 -1.80 0.13
N LEU B 320 8.64 -1.79 -1.19
CA LEU B 320 9.82 -1.12 -1.72
C LEU B 320 9.63 0.39 -1.76
N ALA B 321 8.43 0.84 -2.14
CA ALA B 321 8.13 2.27 -2.08
C ALA B 321 8.16 2.78 -0.64
N LEU B 322 7.73 1.96 0.32
CA LEU B 322 7.88 2.33 1.72
C LEU B 322 9.34 2.34 2.13
N ALA B 323 10.16 1.49 1.51
CA ALA B 323 11.60 1.50 1.79
C ALA B 323 12.24 2.79 1.30
N GLN B 324 11.92 3.21 0.07
CA GLN B 324 12.46 4.46 -0.47
C GLN B 324 12.11 5.67 0.39
N ILE B 325 11.05 5.58 1.20
CA ILE B 325 10.68 6.68 2.07
C ILE B 325 11.48 6.64 3.37
N GLU B 326 11.51 5.48 4.04
CA GLU B 326 12.17 5.37 5.32
C GLU B 326 13.67 5.16 5.21
N ASN B 327 14.20 4.83 4.03
CA ASN B 327 15.64 4.71 3.87
C ASN B 327 16.29 6.09 3.74
N SER B 328 15.73 6.96 2.90
CA SER B 328 16.24 8.31 2.79
C SER B 328 16.08 9.07 4.10
N ALA B 329 15.00 8.81 4.84
CA ALA B 329 14.82 9.43 6.14
C ALA B 329 15.81 8.87 7.16
N ALA B 330 16.21 7.60 7.01
CA ALA B 330 17.22 7.03 7.88
C ALA B 330 18.60 7.60 7.58
N VAL B 331 18.83 8.05 6.35
CA VAL B 331 20.11 8.67 6.01
C VAL B 331 20.23 10.03 6.70
N GLN B 332 19.16 10.81 6.71
CA GLN B 332 19.21 12.12 7.37
C GLN B 332 19.41 11.98 8.87
N LYS B 333 18.74 11.01 9.50
CA LYS B 333 18.98 10.77 10.92
C LYS B 333 20.40 10.29 11.17
N ALA B 334 20.98 9.55 10.22
CA ALA B 334 22.36 9.12 10.35
C ALA B 334 23.32 10.29 10.18
N ILE B 335 23.10 11.13 9.17
CA ILE B 335 23.93 12.30 8.95
C ILE B 335 23.84 13.24 10.15
N ALA B 336 22.63 13.46 10.67
CA ALA B 336 22.45 14.39 11.78
C ALA B 336 23.12 13.88 13.05
N HIS B 337 23.05 12.57 13.29
CA HIS B 337 23.73 12.01 14.46
C HIS B 337 25.24 12.17 14.34
N TYR B 338 25.78 12.11 13.12
CA TYR B 338 27.20 12.35 12.93
C TYR B 338 27.56 13.81 13.23
N GLU B 339 26.72 14.75 12.79
CA GLU B 339 26.99 16.16 13.03
C GLU B 339 26.92 16.49 14.52
N GLN B 340 25.97 15.89 15.23
CA GLN B 340 25.86 16.10 16.67
C GLN B 340 27.10 15.58 17.39
N GLN B 341 27.62 14.43 16.96
CA GLN B 341 28.80 13.86 17.61
C GLN B 341 30.02 14.72 17.39
N MET B 342 30.32 15.06 16.12
CA MET B 342 31.53 15.80 15.81
C MET B 342 31.51 17.19 16.42
N GLY B 343 30.33 17.82 16.50
CA GLY B 343 30.25 19.16 17.06
C GLY B 343 30.68 19.22 18.52
N GLN B 344 30.42 18.16 19.28
CA GLN B 344 30.79 18.10 20.68
C GLN B 344 32.14 17.45 20.93
N LYS B 345 32.77 16.90 19.89
CA LYS B 345 34.04 16.20 20.02
C LYS B 345 35.21 16.92 19.37
N VAL B 346 34.99 17.57 18.22
CA VAL B 346 36.09 18.14 17.45
C VAL B 346 36.63 19.37 18.19
N GLN B 347 37.89 19.28 18.62
CA GLN B 347 38.58 20.40 19.27
C GLN B 347 39.54 21.02 18.26
N LEU B 348 39.00 21.92 17.44
CA LEU B 348 39.83 22.61 16.44
C LEU B 348 40.68 23.68 17.11
N PRO B 349 41.93 23.87 16.66
CA PRO B 349 42.57 23.05 15.62
C PRO B 349 43.13 21.75 16.16
N THR B 350 43.04 20.68 15.38
CA THR B 350 43.53 19.38 15.82
C THR B 350 45.04 19.39 15.95
N GLU B 351 45.54 18.73 17.00
CA GLU B 351 46.97 18.68 17.24
C GLU B 351 47.69 17.90 16.14
N THR B 352 47.19 16.71 15.81
CA THR B 352 47.70 15.90 14.72
C THR B 352 46.57 15.69 13.69
N LEU B 353 46.85 14.86 12.68
CA LEU B 353 45.80 14.46 11.75
C LEU B 353 45.13 13.16 12.17
N GLN B 354 45.87 12.24 12.79
CA GLN B 354 45.27 11.01 13.27
C GLN B 354 44.23 11.29 14.36
N GLU B 355 44.41 12.38 15.12
CA GLU B 355 43.40 12.77 16.10
C GLU B 355 42.07 13.09 15.42
N LEU B 356 42.11 13.81 14.30
CA LEU B 356 40.88 14.17 13.60
C LEU B 356 40.28 12.95 12.89
N LEU B 357 41.11 12.15 12.22
CA LEU B 357 40.60 11.01 11.48
C LEU B 357 40.06 9.93 12.42
N ASP B 358 40.60 9.83 13.64
CA ASP B 358 40.06 8.90 14.60
C ASP B 358 38.75 9.40 15.20
N LEU B 359 38.67 10.71 15.48
CA LEU B 359 37.40 11.29 15.90
C LEU B 359 36.34 11.20 14.81
N HIS B 360 36.75 11.10 13.55
CA HIS B 360 35.79 10.95 12.46
C HIS B 360 35.24 9.53 12.38
N ARG B 361 36.12 8.54 12.33
CA ARG B 361 35.67 7.16 12.16
C ARG B 361 34.86 6.68 13.36
N ASP B 362 35.09 7.25 14.54
CA ASP B 362 34.28 6.90 15.71
C ASP B 362 32.86 7.41 15.55
N SER B 363 32.70 8.69 15.20
CA SER B 363 31.37 9.22 14.92
C SER B 363 30.83 8.75 13.58
N GLU B 364 31.69 8.24 12.70
CA GLU B 364 31.20 7.61 11.47
C GLU B 364 30.57 6.26 11.76
N ARG B 365 31.15 5.51 12.71
CA ARG B 365 30.62 4.20 13.08
C ARG B 365 29.19 4.33 13.61
N GLU B 366 28.97 5.27 14.54
CA GLU B 366 27.64 5.47 15.08
C GLU B 366 26.67 5.98 14.02
N ALA B 367 27.16 6.76 13.05
CA ALA B 367 26.29 7.20 11.97
C ALA B 367 25.82 6.02 11.13
N ILE B 368 26.69 5.04 10.88
CA ILE B 368 26.28 3.84 10.17
C ILE B 368 25.31 3.03 11.01
N GLU B 369 25.54 2.96 12.32
CA GLU B 369 24.63 2.22 13.19
C GLU B 369 23.23 2.81 13.17
N VAL B 370 23.14 4.14 13.19
CA VAL B 370 21.83 4.79 13.16
C VAL B 370 21.12 4.49 11.84
N PHE B 371 21.87 4.42 10.74
CA PHE B 371 21.27 4.10 9.46
C PHE B 371 20.81 2.65 9.40
N ILE B 372 21.62 1.73 9.91
CA ILE B 372 21.31 0.30 9.80
C ILE B 372 20.00 -0.02 10.52
N ARG B 373 19.86 0.46 11.76
CA ARG B 373 18.68 0.13 12.55
C ARG B 373 17.41 0.75 11.99
N SER B 374 17.52 1.83 11.24
CA SER B 374 16.36 2.55 10.72
C SER B 374 16.16 2.34 9.22
N SER B 375 16.95 1.48 8.59
CA SER B 375 16.80 1.15 7.18
C SER B 375 16.38 -0.31 7.03
N PHE B 376 15.83 -0.62 5.85
CA PHE B 376 15.48 -1.99 5.53
C PHE B 376 15.44 -2.15 4.02
N LYS B 377 15.99 -3.27 3.56
CA LYS B 377 16.10 -3.63 2.14
C LYS B 377 16.46 -2.42 1.27
N ASP B 378 17.63 -1.84 1.57
CA ASP B 378 18.19 -0.81 0.70
C ASP B 378 18.60 -1.49 -0.61
N VAL B 379 17.81 -1.28 -1.65
CA VAL B 379 18.05 -1.98 -2.92
C VAL B 379 19.40 -1.57 -3.48
N ASP B 380 20.28 -2.55 -3.70
CA ASP B 380 21.66 -2.35 -4.10
C ASP B 380 22.43 -1.47 -3.12
N HIS B 381 21.89 -1.24 -1.93
CA HIS B 381 22.51 -0.38 -0.92
C HIS B 381 22.79 1.02 -1.47
N LEU B 382 21.90 1.49 -2.34
CA LEU B 382 22.05 2.84 -2.89
C LEU B 382 21.93 3.90 -1.80
N PHE B 383 21.09 3.66 -0.80
CA PHE B 383 20.95 4.61 0.30
C PHE B 383 22.13 4.56 1.24
N GLN B 384 22.77 3.41 1.38
CA GLN B 384 23.97 3.31 2.21
C GLN B 384 25.17 3.97 1.53
N LYS B 385 25.30 3.77 0.22
CA LYS B 385 26.43 4.36 -0.50
C LYS B 385 26.27 5.87 -0.63
N GLU B 386 25.03 6.37 -0.69
CA GLU B 386 24.81 7.81 -0.64
C GLU B 386 25.18 8.39 0.71
N LEU B 387 24.95 7.63 1.78
CA LEU B 387 25.39 8.06 3.10
C LEU B 387 26.91 8.11 3.19
N ALA B 388 27.58 7.08 2.65
CA ALA B 388 29.04 7.06 2.67
C ALA B 388 29.63 8.15 1.79
N ALA B 389 28.94 8.52 0.72
CA ALA B 389 29.41 9.63 -0.12
C ALA B 389 29.25 10.96 0.59
N GLN B 390 28.10 11.17 1.25
CA GLN B 390 27.93 12.37 2.06
C GLN B 390 28.86 12.38 3.26
N LEU B 391 29.17 11.21 3.81
CA LEU B 391 30.07 11.14 4.96
C LEU B 391 31.50 11.48 4.55
N GLU B 392 31.91 11.08 3.34
CA GLU B 392 33.24 11.44 2.87
C GLU B 392 33.35 12.93 2.58
N LYS B 393 32.26 13.55 2.12
CA LYS B 393 32.24 15.00 1.97
C LYS B 393 32.40 15.68 3.31
N LYS B 394 31.68 15.20 4.33
CA LYS B 394 31.87 15.72 5.68
C LYS B 394 33.28 15.45 6.19
N ARG B 395 33.89 14.33 5.76
CA ARG B 395 35.26 14.04 6.16
C ARG B 395 36.24 15.06 5.59
N ASP B 396 36.01 15.48 4.34
CA ASP B 396 36.96 16.36 3.67
C ASP B 396 36.92 17.76 4.27
N ASP B 397 35.73 18.37 4.37
CA ASP B 397 35.64 19.75 4.85
C ASP B 397 35.99 19.88 6.33
N PHE B 398 36.01 18.77 7.08
CA PHE B 398 36.49 18.85 8.45
C PHE B 398 38.02 18.94 8.52
N CYS B 399 38.71 18.36 7.54
CA CYS B 399 40.15 18.55 7.44
C CYS B 399 40.50 19.92 6.87
N LYS B 400 39.67 20.42 5.95
CA LYS B 400 39.91 21.76 5.41
C LYS B 400 39.62 22.84 6.46
N GLN B 401 38.57 22.66 7.25
CA GLN B 401 38.35 23.54 8.39
C GLN B 401 39.43 23.36 9.46
N ASN B 402 40.05 22.18 9.52
CA ASN B 402 41.18 21.99 10.43
C ASN B 402 42.41 22.74 9.95
N GLN B 403 42.67 22.71 8.63
CA GLN B 403 43.81 23.46 8.09
C GLN B 403 43.60 24.96 8.26
N GLU B 404 42.38 25.43 8.01
CA GLU B 404 42.08 26.86 8.23
C GLU B 404 42.22 27.23 9.70
N ALA B 405 41.89 26.32 10.61
CA ALA B 405 42.01 26.63 12.03
C ALA B 405 43.46 26.62 12.48
N SER B 406 44.26 25.67 11.98
CA SER B 406 45.66 25.61 12.36
C SER B 406 46.43 26.80 11.81
N SER B 407 46.23 27.12 10.52
CA SER B 407 46.97 28.21 9.90
C SER B 407 46.59 29.56 10.49
N ASP B 408 45.30 29.77 10.75
CA ASP B 408 44.85 31.07 11.26
C ASP B 408 45.28 31.33 12.70
N ARG B 409 45.82 30.32 13.40
CA ARG B 409 46.41 30.55 14.71
C ARG B 409 47.93 30.68 14.63
N CYS B 410 48.58 29.77 13.89
CA CYS B 410 50.02 29.89 13.70
C CYS B 410 50.40 31.20 13.02
N SER B 411 49.53 31.72 12.15
CA SER B 411 49.80 33.01 11.55
C SER B 411 49.68 34.14 12.57
N ALA B 412 48.68 34.06 13.45
CA ALA B 412 48.55 35.04 14.52
C ALA B 412 49.71 34.95 15.50
N LEU B 413 50.29 33.76 15.67
CA LEU B 413 51.50 33.63 16.47
C LEU B 413 52.65 34.42 15.86
N LEU B 414 52.77 34.42 14.53
CA LEU B 414 53.84 35.15 13.87
C LEU B 414 53.68 36.66 14.05
N GLN B 415 52.47 37.17 13.86
CA GLN B 415 52.21 38.60 14.02
C GLN B 415 52.35 39.06 15.47
N VAL B 416 52.61 38.16 16.41
CA VAL B 416 52.84 38.54 17.80
C VAL B 416 54.22 38.14 18.30
N ILE B 417 54.87 37.15 17.71
CA ILE B 417 56.20 36.73 18.14
C ILE B 417 57.28 37.43 17.32
N PHE B 418 57.08 37.55 16.01
CA PHE B 418 58.10 38.09 15.13
C PHE B 418 57.89 39.56 14.79
N SER B 419 56.71 40.12 15.06
CA SER B 419 56.52 41.55 14.86
C SER B 419 57.39 42.42 15.76
N PRO B 420 57.76 42.02 16.99
CA PRO B 420 58.79 42.78 17.70
C PRO B 420 60.13 42.80 16.98
N LEU B 421 60.55 41.68 16.40
CA LEU B 421 61.80 41.66 15.65
C LEU B 421 61.68 42.45 14.34
N GLU B 422 60.48 42.52 13.77
CA GLU B 422 60.27 43.34 12.58
C GLU B 422 60.41 44.82 12.87
N GLU B 423 60.34 45.22 14.14
CA GLU B 423 60.60 46.60 14.55
C GLU B 423 62.04 46.83 15.00
N GLU B 424 62.67 45.82 15.59
CA GLU B 424 64.08 45.95 15.96
C GLU B 424 64.97 46.07 14.72
N VAL B 425 64.61 45.39 13.63
CA VAL B 425 65.33 45.57 12.37
C VAL B 425 64.96 46.89 11.71
N LYS B 426 63.68 47.25 11.75
CA LYS B 426 63.24 48.53 11.19
C LYS B 426 63.90 49.70 11.91
N ALA B 427 64.17 49.55 13.21
CA ALA B 427 64.78 50.63 13.99
C ALA B 427 66.28 50.75 13.76
N GLY B 428 66.89 49.85 12.98
CA GLY B 428 68.29 49.98 12.62
C GLY B 428 69.22 49.03 13.35
N ILE B 429 68.77 48.38 14.42
CA ILE B 429 69.64 47.45 15.13
C ILE B 429 70.02 46.29 14.22
N TYR B 430 71.07 45.57 14.63
CA TYR B 430 71.70 44.48 13.87
C TYR B 430 72.39 44.98 12.61
N SER B 431 72.48 46.29 12.40
CA SER B 431 73.29 46.89 11.35
C SER B 431 74.42 47.65 12.04
N LYS B 432 75.46 46.91 12.41
CA LYS B 432 76.58 47.39 13.20
C LYS B 432 77.60 46.26 13.31
N PRO B 433 78.82 46.51 13.81
CA PRO B 433 79.74 45.40 14.09
C PRO B 433 79.11 44.30 14.92
N GLY B 434 79.03 43.10 14.35
CA GLY B 434 78.39 41.98 15.02
C GLY B 434 76.89 41.89 14.82
N GLY B 435 76.34 42.66 13.88
CA GLY B 435 74.89 42.75 13.77
C GLY B 435 74.25 41.47 13.25
N TYR B 436 74.91 40.79 12.31
CA TYR B 436 74.30 39.60 11.73
C TYR B 436 74.20 38.47 12.74
N ARG B 437 75.30 38.18 13.45
CA ARG B 437 75.30 37.07 14.39
C ARG B 437 74.37 37.30 15.57
N LEU B 438 74.04 38.56 15.87
CA LEU B 438 73.06 38.84 16.92
C LEU B 438 71.63 38.80 16.40
N PHE B 439 71.43 39.04 15.10
CA PHE B 439 70.10 38.87 14.53
C PHE B 439 69.74 37.40 14.41
N VAL B 440 70.69 36.56 14.01
CA VAL B 440 70.44 35.13 13.89
C VAL B 440 70.15 34.52 15.25
N GLN B 441 70.92 34.90 16.26
CA GLN B 441 70.74 34.35 17.60
C GLN B 441 69.36 34.71 18.16
N LYS B 442 68.85 35.91 17.84
CA LYS B 442 67.49 36.24 18.25
C LYS B 442 66.46 35.47 17.44
N LEU B 443 66.77 35.16 16.18
CA LEU B 443 65.84 34.39 15.36
C LEU B 443 65.79 32.93 15.80
N GLN B 444 66.94 32.38 16.22
CA GLN B 444 66.94 31.03 16.77
C GLN B 444 66.11 30.96 18.04
N ASP B 445 66.03 32.06 18.79
CA ASP B 445 65.20 32.09 19.99
C ASP B 445 63.73 32.25 19.66
N LEU B 446 63.40 33.10 18.68
CA LEU B 446 62.00 33.30 18.30
C LEU B 446 61.42 32.05 17.67
N LYS B 447 62.18 31.39 16.79
CA LYS B 447 61.73 30.12 16.23
C LYS B 447 61.54 29.05 17.30
N LYS B 448 62.21 29.17 18.44
CA LYS B 448 62.02 28.22 19.52
C LYS B 448 60.73 28.51 20.29
N LYS B 449 60.49 29.78 20.61
CA LYS B 449 59.24 30.14 21.30
C LYS B 449 58.02 29.81 20.44
N TYR B 450 58.16 29.92 19.12
CA TYR B 450 57.08 29.49 18.22
C TYR B 450 56.84 27.99 18.35
N TYR B 451 57.90 27.19 18.28
CA TYR B 451 57.77 25.75 18.40
C TYR B 451 57.30 25.31 19.78
N GLU B 452 57.49 26.15 20.79
CA GLU B 452 57.08 25.80 22.16
C GLU B 452 55.63 26.14 22.47
N GLU B 453 55.01 27.02 21.69
CA GLU B 453 53.63 27.38 21.95
C GLU B 453 52.71 26.18 21.70
N PRO B 454 51.75 25.92 22.59
CA PRO B 454 50.97 24.70 22.49
C PRO B 454 49.78 24.82 21.56
N ARG B 455 49.33 23.67 21.07
CA ARG B 455 48.16 23.54 20.20
C ARG B 455 48.27 24.47 18.99
N LYS B 456 49.34 24.28 18.22
CA LYS B 456 49.50 25.02 16.98
C LYS B 456 48.68 24.40 15.85
N GLY B 457 48.86 23.10 15.62
CA GLY B 457 48.10 22.39 14.60
C GLY B 457 49.01 21.67 13.63
N ILE B 458 48.51 21.46 12.41
CA ILE B 458 49.25 20.75 11.38
C ILE B 458 49.98 21.69 10.44
N GLN B 459 49.53 22.94 10.31
CA GLN B 459 50.16 23.91 9.43
C GLN B 459 51.25 24.71 10.10
N ALA B 460 51.74 24.27 11.28
CA ALA B 460 52.73 25.04 12.00
C ALA B 460 54.05 25.11 11.24
N GLU B 461 54.46 24.00 10.62
CA GLU B 461 55.73 23.98 9.91
C GLU B 461 55.65 24.78 8.61
N GLU B 462 54.52 24.69 7.90
CA GLU B 462 54.41 25.39 6.62
C GLU B 462 54.34 26.89 6.80
N ILE B 463 53.49 27.36 7.72
CA ILE B 463 53.28 28.79 7.87
C ILE B 463 54.55 29.49 8.37
N LEU B 464 55.34 28.80 9.20
CA LEU B 464 56.59 29.39 9.67
C LEU B 464 57.59 29.53 8.54
N GLN B 465 57.82 28.45 7.77
CA GLN B 465 58.80 28.49 6.69
C GLN B 465 58.35 29.42 5.57
N THR B 466 57.05 29.39 5.22
CA THR B 466 56.55 30.27 4.18
C THR B 466 56.62 31.74 4.61
N TYR B 467 56.78 32.01 5.90
CA TYR B 467 57.02 33.37 6.39
C TYR B 467 58.50 33.71 6.41
N LEU B 468 59.36 32.74 6.73
CA LEU B 468 60.79 32.99 6.72
C LEU B 468 61.31 33.19 5.30
N LYS B 469 60.86 32.37 4.36
CA LYS B 469 61.22 32.54 2.96
C LYS B 469 60.69 33.83 2.36
N SER B 470 59.75 34.50 3.02
CA SER B 470 59.28 35.80 2.59
C SER B 470 60.03 36.96 3.23
N LYS B 471 60.66 36.72 4.39
CA LYS B 471 61.49 37.71 5.05
C LYS B 471 62.98 37.46 4.82
N GLU B 472 63.33 36.55 3.91
CA GLU B 472 64.75 36.29 3.63
C GLU B 472 65.45 37.50 3.02
N SER B 473 64.70 38.43 2.43
CA SER B 473 65.31 39.64 1.91
C SER B 473 65.91 40.48 3.04
N MET B 474 65.29 40.48 4.20
CA MET B 474 65.84 41.21 5.35
C MET B 474 66.96 40.43 6.02
N THR B 475 66.86 39.09 6.08
CA THR B 475 67.98 38.30 6.57
C THR B 475 69.19 38.43 5.65
N ASP B 476 68.97 38.74 4.37
CA ASP B 476 70.08 38.99 3.45
C ASP B 476 70.58 40.42 3.56
N ALA B 477 69.68 41.38 3.75
CA ALA B 477 70.09 42.79 3.81
C ALA B 477 70.94 43.07 5.04
N ILE B 478 70.77 42.31 6.12
CA ILE B 478 71.66 42.45 7.26
C ILE B 478 73.07 42.01 6.88
N LEU B 479 73.19 40.90 6.15
CA LEU B 479 74.45 40.58 5.48
C LEU B 479 74.78 41.68 4.46
N GLN B 480 76.07 41.88 4.21
CA GLN B 480 76.58 42.99 3.39
C GLN B 480 76.24 44.34 4.00
N THR B 481 75.95 44.39 5.29
CA THR B 481 75.75 45.68 5.94
C THR B 481 76.56 45.68 7.23
N ASP B 482 76.69 44.49 7.82
CA ASP B 482 77.41 44.28 9.07
C ASP B 482 78.71 43.56 8.70
N GLN B 483 79.79 44.33 8.58
CA GLN B 483 81.10 43.77 8.24
C GLN B 483 81.57 42.78 9.29
N THR B 484 81.93 43.30 10.47
CA THR B 484 82.17 42.59 11.72
C THR B 484 83.38 41.67 11.70
N LEU B 485 83.67 41.12 10.52
CA LEU B 485 84.61 40.02 10.33
C LEU B 485 84.73 39.73 8.84
N THR B 486 85.35 38.61 8.51
CA THR B 486 85.38 38.12 7.14
C THR B 486 83.98 38.11 6.53
N GLU B 487 83.95 38.34 5.23
CA GLU B 487 82.73 38.28 4.44
C GLU B 487 83.16 38.08 2.99
N LYS B 488 82.22 38.34 2.09
CA LYS B 488 82.47 38.74 0.72
C LYS B 488 82.90 37.58 -0.17
N GLU B 489 83.50 36.55 0.42
CA GLU B 489 83.68 35.27 -0.25
C GLU B 489 83.58 34.19 0.82
N LYS B 490 83.48 34.67 2.06
CA LYS B 490 83.35 33.85 3.26
C LYS B 490 81.93 33.99 3.82
N GLU B 491 80.98 34.09 2.90
CA GLU B 491 79.55 34.12 3.19
C GLU B 491 78.97 32.70 3.26
N ILE B 492 79.58 31.86 4.10
CA ILE B 492 79.10 30.50 4.26
C ILE B 492 77.65 30.50 4.75
N GLU B 493 77.30 31.46 5.59
CA GLU B 493 75.94 31.52 6.13
C GLU B 493 75.00 32.31 5.24
N VAL B 494 75.03 32.03 3.94
CA VAL B 494 73.94 32.45 3.06
C VAL B 494 73.72 31.31 2.07
N GLU B 495 74.74 30.44 1.94
CA GLU B 495 74.52 29.14 1.30
C GLU B 495 74.08 28.08 2.30
N ARG B 496 74.37 28.28 3.59
CA ARG B 496 73.71 27.49 4.62
C ARG B 496 72.22 27.78 4.64
N VAL B 497 71.84 29.04 4.44
CA VAL B 497 70.43 29.41 4.41
C VAL B 497 69.73 28.72 3.23
N LYS B 498 70.41 28.66 2.08
CA LYS B 498 69.85 27.95 0.94
C LYS B 498 69.72 26.46 1.20
N ALA B 499 70.52 25.91 2.12
CA ALA B 499 70.42 24.50 2.45
C ALA B 499 69.22 24.21 3.34
N GLU B 500 68.91 25.13 4.27
CA GLU B 500 67.75 24.92 5.14
C GLU B 500 66.45 25.08 4.36
N SER B 501 66.36 26.11 3.51
CA SER B 501 65.16 26.30 2.70
C SER B 501 64.99 25.21 1.65
N ALA B 502 65.95 24.29 1.51
CA ALA B 502 65.84 23.14 0.64
C ALA B 502 65.39 21.89 1.39
N GLN B 503 65.97 21.63 2.56
CA GLN B 503 65.53 20.49 3.36
C GLN B 503 64.16 20.75 4.00
N ALA B 504 63.83 22.02 4.26
CA ALA B 504 62.51 22.34 4.77
C ALA B 504 61.45 22.10 3.71
N SER B 505 61.70 22.56 2.48
CA SER B 505 60.78 22.29 1.38
C SER B 505 60.77 20.83 0.95
N ALA B 506 61.61 19.99 1.56
CA ALA B 506 61.62 18.54 1.33
C ALA B 506 60.78 17.78 2.35
N LYS B 507 61.00 18.05 3.65
CA LYS B 507 60.18 17.39 4.66
C LYS B 507 58.74 17.87 4.64
N MET B 508 58.48 19.06 4.10
CA MET B 508 57.10 19.48 3.89
C MET B 508 56.44 18.66 2.79
N LEU B 509 57.18 18.40 1.70
CA LEU B 509 56.66 17.51 0.66
C LEU B 509 56.65 16.07 1.13
N HIS B 510 57.60 15.69 1.99
CA HIS B 510 57.61 14.34 2.54
C HIS B 510 56.46 14.11 3.52
N GLU B 511 55.90 15.18 4.08
CA GLU B 511 54.73 15.06 4.94
C GLU B 511 53.41 15.20 4.18
N MET B 512 53.41 15.98 3.10
CA MET B 512 52.24 16.00 2.21
C MET B 512 51.99 14.63 1.60
N GLN B 513 53.03 13.81 1.48
CA GLN B 513 52.86 12.41 1.11
C GLN B 513 52.21 11.62 2.24
N ARG B 514 52.80 11.71 3.44
CA ARG B 514 52.27 10.97 4.58
C ARG B 514 50.87 11.43 4.96
N LYS B 515 50.58 12.72 4.81
CA LYS B 515 49.22 13.20 5.02
C LYS B 515 48.28 12.58 4.01
N ASN B 516 48.64 12.63 2.73
CA ASN B 516 47.83 11.99 1.69
C ASN B 516 47.79 10.47 1.85
N GLU B 517 48.81 9.89 2.49
CA GLU B 517 48.75 8.46 2.80
C GLU B 517 47.72 8.18 3.88
N GLN B 518 47.73 8.97 4.95
CA GLN B 518 46.79 8.75 6.07
C GLN B 518 45.35 8.90 5.63
N MET B 519 45.08 9.71 4.59
CA MET B 519 43.72 9.84 4.09
C MET B 519 43.27 8.60 3.36
N MET B 520 44.19 7.86 2.75
CA MET B 520 43.83 6.61 2.11
C MET B 520 43.76 5.46 3.11
N GLU B 521 44.50 5.56 4.23
CA GLU B 521 44.28 4.62 5.33
C GLU B 521 42.87 4.73 5.86
N GLN B 522 42.35 5.95 5.99
CA GLN B 522 41.00 6.17 6.49
C GLN B 522 39.95 5.84 5.44
N LYS B 523 40.24 6.10 4.16
CA LYS B 523 39.31 5.73 3.10
C LYS B 523 39.11 4.22 3.01
N GLU B 524 39.90 3.44 3.72
CA GLU B 524 39.75 1.99 3.78
C GLU B 524 39.21 1.51 5.13
N ARG B 525 39.68 2.09 6.23
CA ARG B 525 39.10 1.75 7.53
C ARG B 525 37.64 2.15 7.60
N SER B 526 37.23 3.17 6.83
CA SER B 526 35.82 3.53 6.76
C SER B 526 35.05 2.52 5.90
N TYR B 527 35.62 2.14 4.75
CA TYR B 527 34.96 1.17 3.88
C TYR B 527 34.85 -0.19 4.54
N GLN B 528 35.82 -0.55 5.39
CA GLN B 528 35.74 -1.82 6.10
C GLN B 528 34.67 -1.80 7.18
N GLU B 529 34.42 -0.63 7.79
CA GLU B 529 33.34 -0.53 8.75
C GLU B 529 31.98 -0.60 8.07
N HIS B 530 31.88 -0.12 6.83
CA HIS B 530 30.63 -0.22 6.08
C HIS B 530 30.30 -1.67 5.77
N LEU B 531 31.25 -2.40 5.17
CA LEU B 531 31.03 -3.80 4.82
C LEU B 531 30.89 -4.69 6.06
N LYS B 532 31.29 -4.20 7.24
CA LYS B 532 31.16 -5.00 8.45
C LYS B 532 29.75 -4.90 9.02
N GLN B 533 29.21 -3.69 9.11
CA GLN B 533 27.86 -3.53 9.65
C GLN B 533 26.80 -4.03 8.68
N LEU B 534 27.04 -3.84 7.38
CA LEU B 534 26.10 -4.34 6.38
C LEU B 534 26.09 -5.87 6.36
N THR B 535 27.23 -6.48 6.70
CA THR B 535 27.29 -7.94 6.78
C THR B 535 26.35 -8.46 7.86
N GLU B 536 26.41 -7.87 9.05
CA GLU B 536 25.55 -8.30 10.14
C GLU B 536 24.08 -8.04 9.86
N LYS B 537 23.76 -6.95 9.14
CA LYS B 537 22.39 -6.68 8.77
C LYS B 537 21.87 -7.70 7.76
N MET B 538 22.61 -7.89 6.66
CA MET B 538 22.21 -8.89 5.67
C MET B 538 22.18 -10.29 6.25
N GLU B 539 23.01 -10.55 7.27
CA GLU B 539 22.97 -11.86 7.93
C GLU B 539 21.63 -12.07 8.63
N ASN B 540 21.23 -11.13 9.47
CA ASN B 540 19.94 -11.22 10.14
C ASN B 540 18.78 -10.99 9.18
N ASP B 541 19.04 -10.46 7.98
CA ASP B 541 18.00 -10.39 6.96
C ASP B 541 17.68 -11.77 6.40
N ARG B 542 18.72 -12.55 6.08
CA ARG B 542 18.51 -13.92 5.61
C ARG B 542 17.99 -14.82 6.71
N VAL B 543 18.35 -14.54 7.96
CA VAL B 543 17.86 -15.32 9.09
C VAL B 543 16.35 -15.17 9.23
N GLN B 544 15.85 -13.94 9.13
CA GLN B 544 14.41 -13.70 9.25
C GLN B 544 13.65 -14.32 8.08
N LEU B 545 14.19 -14.16 6.86
CA LEU B 545 13.50 -14.70 5.68
C LEU B 545 13.37 -16.22 5.77
N LEU B 546 14.40 -16.88 6.32
CA LEU B 546 14.33 -18.33 6.49
C LEU B 546 13.20 -18.71 7.44
N LYS B 547 13.09 -18.01 8.58
CA LYS B 547 12.01 -18.28 9.51
C LYS B 547 10.65 -17.97 8.89
N GLU B 548 10.58 -16.92 8.07
CA GLU B 548 9.34 -16.62 7.37
C GLU B 548 9.00 -17.69 6.35
N GLN B 549 10.01 -18.23 5.66
CA GLN B 549 9.77 -19.30 4.70
C GLN B 549 9.46 -20.62 5.40
N GLU B 550 10.09 -20.88 6.55
CA GLU B 550 9.80 -22.10 7.30
C GLU B 550 8.37 -22.12 7.81
N ARG B 551 7.88 -20.98 8.30
CA ARG B 551 6.48 -20.89 8.69
C ARG B 551 5.57 -21.03 7.49
N THR B 552 5.91 -20.36 6.39
CA THR B 552 5.12 -20.48 5.17
C THR B 552 5.12 -21.91 4.66
N LEU B 553 6.24 -22.62 4.82
CA LEU B 553 6.29 -24.02 4.41
C LEU B 553 5.50 -24.90 5.36
N ALA B 554 5.59 -24.64 6.67
CA ALA B 554 4.85 -25.44 7.65
C ALA B 554 3.34 -25.28 7.51
N LEU B 555 2.87 -24.24 6.83
CA LEU B 555 1.44 -24.06 6.59
C LEU B 555 0.99 -24.59 5.25
N LYS B 556 1.86 -24.60 4.23
CA LYS B 556 1.50 -25.23 2.98
C LYS B 556 1.51 -26.75 3.09
N LEU B 557 2.30 -27.29 4.02
CA LEU B 557 2.21 -28.71 4.36
C LEU B 557 1.04 -28.98 5.30
N GLN B 558 0.60 -27.99 6.06
CA GLN B 558 -0.55 -28.16 6.94
C GLN B 558 -1.83 -28.36 6.14
N GLU B 559 -1.90 -27.83 4.92
CA GLU B 559 -3.09 -27.95 4.08
C GLU B 559 -2.99 -29.06 3.05
N GLN B 560 -1.78 -29.50 2.70
CA GLN B 560 -1.65 -30.67 1.84
C GLN B 560 -2.00 -31.95 2.60
N GLU B 561 -1.62 -32.03 3.88
CA GLU B 561 -1.98 -33.19 4.69
C GLU B 561 -3.49 -33.24 4.93
N GLN B 562 -4.15 -32.09 4.95
CA GLN B 562 -5.60 -32.06 5.15
C GLN B 562 -6.38 -32.47 3.90
N LEU B 563 -5.74 -32.45 2.74
CA LEU B 563 -6.38 -32.95 1.52
C LEU B 563 -6.19 -34.46 1.38
N LEU B 564 -5.04 -34.99 1.79
CA LEU B 564 -4.87 -36.44 1.87
C LEU B 564 -5.75 -37.03 2.97
N LYS B 565 -5.85 -36.34 4.10
CA LYS B 565 -6.66 -36.84 5.21
C LYS B 565 -8.13 -36.89 4.81
N GLU B 566 -8.65 -35.81 4.23
CA GLU B 566 -10.04 -35.77 3.81
C GLU B 566 -10.20 -36.19 2.34
N GLY B 567 -9.62 -37.33 1.99
CA GLY B 567 -9.87 -37.95 0.68
C GLY B 567 -9.18 -37.46 -0.58
N PHE B 568 -9.15 -36.14 -0.80
CA PHE B 568 -8.76 -35.62 -2.10
C PHE B 568 -7.25 -35.71 -2.33
N GLN B 569 -6.80 -36.85 -2.87
CA GLN B 569 -5.43 -36.96 -3.35
C GLN B 569 -5.22 -36.28 -4.69
N LYS B 570 -6.29 -35.83 -5.35
CA LYS B 570 -6.15 -35.10 -6.59
C LYS B 570 -5.53 -33.73 -6.36
N GLU B 571 -5.92 -33.07 -5.26
CA GLU B 571 -5.40 -31.74 -4.94
C GLU B 571 -4.13 -31.78 -4.11
N SER B 572 -3.92 -32.84 -3.33
CA SER B 572 -2.68 -32.96 -2.57
C SER B 572 -1.48 -33.05 -3.48
N ARG B 573 -1.64 -33.63 -4.67
CA ARG B 573 -0.54 -33.69 -5.62
C ARG B 573 -0.26 -32.32 -6.23
N ILE B 574 -1.32 -31.57 -6.55
CA ILE B 574 -1.13 -30.22 -7.04
C ILE B 574 -0.60 -29.31 -5.94
N MET B 575 -0.89 -29.64 -4.68
CA MET B 575 -0.27 -28.93 -3.57
C MET B 575 1.20 -29.25 -3.46
N LYS B 576 1.57 -30.52 -3.65
CA LYS B 576 2.98 -30.89 -3.69
C LYS B 576 3.70 -30.21 -4.85
N ASN B 577 3.00 -29.99 -5.97
CA ASN B 577 3.59 -29.23 -7.06
C ASN B 577 3.84 -27.79 -6.65
N GLU B 578 2.90 -27.18 -5.93
CA GLU B 578 3.09 -25.81 -5.48
C GLU B 578 4.14 -25.71 -4.38
N ILE B 579 4.36 -26.79 -3.62
CA ILE B 579 5.34 -26.76 -2.55
C ILE B 579 6.75 -26.99 -3.08
N GLN B 580 6.90 -27.92 -4.04
CA GLN B 580 8.21 -28.14 -4.63
C GLN B 580 8.69 -26.95 -5.46
N ASP B 581 7.78 -26.07 -5.88
CA ASP B 581 8.20 -24.83 -6.51
C ASP B 581 8.87 -23.91 -5.51
N LEU B 582 8.38 -23.90 -4.27
CA LEU B 582 9.02 -23.08 -3.24
C LEU B 582 10.40 -23.61 -2.88
N GLN B 583 10.55 -24.93 -2.81
CA GLN B 583 11.84 -25.54 -2.48
C GLN B 583 12.94 -25.06 -3.41
N THR B 584 12.63 -24.92 -4.71
CA THR B 584 13.64 -24.48 -5.67
C THR B 584 13.84 -22.96 -5.63
N LYS B 585 12.79 -22.19 -5.28
CA LYS B 585 12.94 -20.75 -5.18
C LYS B 585 13.61 -20.32 -3.87
N MET B 586 13.53 -21.13 -2.83
CA MET B 586 14.28 -20.84 -1.61
C MET B 586 15.78 -20.83 -1.87
N ARG B 587 16.23 -21.64 -2.83
CA ARG B 587 17.62 -21.64 -3.26
C ARG B 587 17.79 -20.62 -4.39
N ARG B 588 18.93 -20.65 -5.06
CA ARG B 588 19.21 -19.68 -6.11
C ARG B 588 19.99 -20.29 -7.25
#